data_3B7Q
#
_entry.id   3B7Q
#
_cell.length_a   49.435
_cell.length_b   71.727
_cell.length_c   115.235
_cell.angle_alpha   90.000
_cell.angle_beta   94.080
_cell.angle_gamma   90.000
#
_symmetry.space_group_name_H-M   'P 1 21 1'
#
loop_
_entity.id
_entity.type
_entity.pdbx_description
1 polymer 'Uncharacterized protein YKL091C'
2 non-polymer 'PHOSPHATE ION'
3 non-polymer '(4S,7R)-4-HYDROXY-N,N,N-TRIMETHYL-9-OXO-7-[(PALMITOYLOXY)METHYL]-3,5,8-TRIOXA-4-PHOSPHAHEXACOSAN-1-AMINIUM 4-OXIDE'
4 non-polymer GLYCEROL
5 water water
#
_entity_poly.entity_id   1
_entity_poly.type   'polypeptide(L)'
_entity_poly.pdbx_seq_one_letter_code
;MGHHHHHHHHMTTSILDTYPQICSPNALPGTPGNLTKEQEEALLQFRSILLEKNYKERLDDSTLLRFLRARKFDINASVE
MFVETERWREEYGANTIIEDYENNKEAEDKERIKLAKMYPQYYHHVDKDGRPLYFEELGGINLKKMYKITTEKQMLRNLV
KEYELFATYRVPACSRRAGYLIETSCTVLDLKGISLSNAYHVLSYIKDVADISQNYYPERMGKFYIIHSPFGFSTMFKMV
KPFLDPVTVSKIFILGSSYKKELLKQIPIENLPVKYGGTSVLHNPNDKFYYSDIGPWRDPRYIGPEGEIPNIFGKFTVTS
;
_entity_poly.pdbx_strand_id   A,B
#
loop_
_chem_comp.id
_chem_comp.type
_chem_comp.name
_chem_comp.formula
6PL non-polymer '(4S,7R)-4-HYDROXY-N,N,N-TRIMETHYL-9-OXO-7-[(PALMITOYLOXY)METHYL]-3,5,8-TRIOXA-4-PHOSPHAHEXACOSAN-1-AMINIUM 4-OXIDE' 'C42 H85 N O8 P 1'
GOL non-polymer GLYCEROL 'C3 H8 O3'
PO4 non-polymer 'PHOSPHATE ION' 'O4 P -3'
#
# COMPACT_ATOMS: atom_id res chain seq x y z
N SER A 14 13.67 -22.01 -34.59
CA SER A 14 13.75 -22.41 -33.16
C SER A 14 13.02 -21.39 -32.30
N ILE A 15 12.65 -21.79 -31.10
CA ILE A 15 11.95 -20.88 -30.21
C ILE A 15 12.84 -19.73 -29.77
N LEU A 16 14.15 -19.98 -29.69
CA LEU A 16 15.08 -18.94 -29.28
C LEU A 16 15.04 -17.74 -30.21
N ASP A 17 14.46 -17.92 -31.39
CA ASP A 17 14.34 -16.83 -32.36
C ASP A 17 13.11 -15.95 -32.11
N THR A 18 12.24 -16.39 -31.18
CA THR A 18 11.02 -15.63 -30.88
C THR A 18 11.11 -14.73 -29.64
N TYR A 19 12.27 -14.71 -28.99
CA TYR A 19 12.44 -13.81 -27.86
C TYR A 19 13.89 -13.36 -27.78
N PRO A 20 14.13 -12.16 -27.22
CA PRO A 20 15.48 -11.59 -27.08
C PRO A 20 16.51 -12.54 -26.48
N GLN A 21 17.67 -12.64 -27.14
CA GLN A 21 18.74 -13.50 -26.64
C GLN A 21 19.89 -12.64 -26.13
N ILE A 22 19.69 -11.32 -26.12
CA ILE A 22 20.70 -10.38 -25.65
C ILE A 22 20.22 -9.77 -24.35
N CYS A 23 21.10 -9.74 -23.35
CA CYS A 23 20.77 -9.16 -22.05
C CYS A 23 20.88 -7.65 -22.11
N SER A 24 20.25 -6.98 -21.14
CA SER A 24 20.30 -5.53 -21.06
C SER A 24 21.76 -5.09 -20.98
N PRO A 25 22.10 -3.98 -21.63
CA PRO A 25 23.48 -3.51 -21.58
C PRO A 25 23.93 -3.11 -20.17
N ASN A 26 22.97 -3.01 -19.24
CA ASN A 26 23.30 -2.65 -17.86
C ASN A 26 23.44 -3.88 -16.97
N ALA A 27 23.43 -5.06 -17.58
CA ALA A 27 23.55 -6.31 -16.83
C ALA A 27 24.98 -6.59 -16.40
N LEU A 28 25.17 -7.63 -15.59
CA LEU A 28 26.49 -8.01 -15.10
C LEU A 28 27.43 -8.52 -16.19
N PRO A 29 28.74 -8.54 -15.91
CA PRO A 29 29.73 -9.01 -16.88
C PRO A 29 29.52 -10.48 -17.25
N GLY A 30 29.93 -10.84 -18.46
CA GLY A 30 29.82 -12.22 -18.89
C GLY A 30 28.43 -12.67 -19.29
N THR A 31 27.50 -11.72 -19.45
CA THR A 31 26.15 -12.05 -19.84
C THR A 31 25.99 -11.82 -21.34
N PRO A 32 25.11 -12.60 -22.00
CA PRO A 32 24.89 -12.47 -23.45
C PRO A 32 24.85 -11.03 -23.92
N GLY A 33 25.68 -10.72 -24.91
CA GLY A 33 25.73 -9.37 -25.45
C GLY A 33 26.63 -8.39 -24.74
N ASN A 34 27.16 -8.76 -23.58
CA ASN A 34 28.03 -7.87 -22.81
C ASN A 34 29.42 -8.47 -22.61
N LEU A 35 29.83 -9.34 -23.52
CA LEU A 35 31.11 -10.02 -23.41
C LEU A 35 32.34 -9.21 -23.82
N THR A 36 33.47 -9.57 -23.23
CA THR A 36 34.76 -8.96 -23.56
C THR A 36 35.24 -9.83 -24.72
N LYS A 37 36.33 -9.44 -25.37
CA LYS A 37 36.85 -10.22 -26.49
C LYS A 37 37.21 -11.64 -26.06
N GLU A 38 37.88 -11.75 -24.91
CA GLU A 38 38.29 -13.05 -24.39
C GLU A 38 37.10 -13.95 -24.09
N GLN A 39 36.07 -13.40 -23.45
CA GLN A 39 34.89 -14.19 -23.12
C GLN A 39 34.21 -14.72 -24.37
N GLU A 40 34.21 -13.91 -25.43
CA GLU A 40 33.62 -14.30 -26.70
C GLU A 40 34.36 -15.50 -27.28
N GLU A 41 35.68 -15.43 -27.28
CA GLU A 41 36.51 -16.52 -27.80
C GLU A 41 36.35 -17.76 -26.91
N ALA A 42 36.25 -17.55 -25.61
CA ALA A 42 36.06 -18.65 -24.66
C ALA A 42 34.75 -19.35 -24.98
N LEU A 43 33.73 -18.56 -25.33
CA LEU A 43 32.43 -19.11 -25.66
C LEU A 43 32.47 -19.97 -26.93
N LEU A 44 33.15 -19.46 -27.95
CA LEU A 44 33.27 -20.20 -29.22
C LEU A 44 34.03 -21.50 -29.03
N GLN A 45 35.04 -21.47 -28.17
CA GLN A 45 35.87 -22.64 -27.88
C GLN A 45 35.07 -23.68 -27.09
N PHE A 46 34.25 -23.19 -26.17
CA PHE A 46 33.41 -24.04 -25.33
C PHE A 46 32.41 -24.79 -26.21
N ARG A 47 31.74 -24.06 -27.09
CA ARG A 47 30.77 -24.69 -27.97
C ARG A 47 31.42 -25.69 -28.91
N SER A 48 32.60 -25.33 -29.41
CA SER A 48 33.33 -26.18 -30.33
C SER A 48 33.66 -27.54 -29.70
N ILE A 49 34.05 -27.52 -28.43
CA ILE A 49 34.36 -28.76 -27.70
C ILE A 49 33.12 -29.63 -27.54
N LEU A 50 32.03 -29.02 -27.10
CA LEU A 50 30.80 -29.76 -26.89
C LEU A 50 30.28 -30.37 -28.20
N LEU A 51 30.31 -29.60 -29.29
CA LEU A 51 29.86 -30.11 -30.59
C LEU A 51 30.72 -31.29 -31.01
N GLU A 52 32.00 -31.21 -30.71
CA GLU A 52 32.94 -32.27 -31.05
C GLU A 52 32.64 -33.52 -30.25
N LYS A 53 32.08 -33.36 -29.05
CA LYS A 53 31.76 -34.51 -28.21
C LYS A 53 30.36 -35.03 -28.53
N ASN A 54 29.78 -34.47 -29.59
CA ASN A 54 28.46 -34.84 -30.07
C ASN A 54 27.24 -34.40 -29.24
N TYR A 55 27.33 -33.24 -28.61
CA TYR A 55 26.20 -32.68 -27.87
C TYR A 55 25.48 -31.81 -28.90
N LYS A 56 24.16 -31.72 -28.81
CA LYS A 56 23.43 -30.94 -29.79
C LYS A 56 22.40 -29.98 -29.20
N GLU A 57 21.94 -30.27 -28.00
CA GLU A 57 20.95 -29.41 -27.35
C GLU A 57 21.56 -28.53 -26.27
N ARG A 58 20.87 -27.45 -25.94
CA ARG A 58 21.31 -26.54 -24.89
C ARG A 58 22.71 -25.96 -25.16
N LEU A 59 22.97 -25.64 -26.43
CA LEU A 59 24.24 -25.06 -26.82
C LEU A 59 24.12 -23.59 -27.21
N ASP A 60 23.00 -22.98 -26.84
CA ASP A 60 22.76 -21.58 -27.13
C ASP A 60 23.65 -20.69 -26.26
N ASP A 61 23.88 -19.45 -26.68
CA ASP A 61 24.73 -18.54 -25.94
C ASP A 61 24.33 -18.37 -24.48
N SER A 62 23.04 -18.21 -24.23
CA SER A 62 22.55 -18.03 -22.87
C SER A 62 22.92 -19.20 -21.95
N THR A 63 22.60 -20.41 -22.39
CA THR A 63 22.90 -21.59 -21.60
C THR A 63 24.38 -21.77 -21.34
N LEU A 64 25.19 -21.70 -22.41
CA LEU A 64 26.63 -21.87 -22.25
C LEU A 64 27.26 -20.78 -21.41
N LEU A 65 26.81 -19.55 -21.54
CA LEU A 65 27.38 -18.46 -20.73
C LEU A 65 27.08 -18.64 -19.24
N ARG A 66 25.98 -19.30 -18.91
CA ARG A 66 25.67 -19.53 -17.49
C ARG A 66 26.70 -20.48 -16.89
N PHE A 67 27.05 -21.52 -17.65
CA PHE A 67 28.06 -22.48 -17.19
C PHE A 67 29.43 -21.80 -17.13
N LEU A 68 29.74 -20.99 -18.14
CA LEU A 68 31.02 -20.29 -18.14
C LEU A 68 31.11 -19.34 -16.94
N ARG A 69 30.08 -18.54 -16.70
CA ARG A 69 30.12 -17.63 -15.57
C ARG A 69 30.27 -18.39 -14.25
N ALA A 70 29.57 -19.51 -14.13
CA ALA A 70 29.62 -20.33 -12.92
C ALA A 70 31.02 -20.88 -12.61
N ARG A 71 31.88 -20.91 -13.63
CA ARG A 71 33.24 -21.39 -13.45
C ARG A 71 34.29 -20.35 -13.86
N LYS A 72 33.92 -19.08 -13.78
CA LYS A 72 34.81 -17.97 -14.12
C LYS A 72 35.50 -18.16 -15.47
N PHE A 73 34.74 -18.62 -16.44
CA PHE A 73 35.23 -18.83 -17.79
C PHE A 73 36.38 -19.81 -17.95
N ASP A 74 36.57 -20.68 -16.97
CA ASP A 74 37.58 -21.73 -17.04
C ASP A 74 36.92 -22.76 -17.94
N ILE A 75 37.35 -22.85 -19.19
CA ILE A 75 36.73 -23.76 -20.17
C ILE A 75 36.70 -25.22 -19.75
N ASN A 76 37.80 -25.72 -19.21
CA ASN A 76 37.83 -27.12 -18.79
C ASN A 76 36.78 -27.41 -17.69
N ALA A 77 36.70 -26.52 -16.70
CA ALA A 77 35.75 -26.68 -15.60
C ALA A 77 34.30 -26.57 -16.13
N SER A 78 34.10 -25.67 -17.08
CA SER A 78 32.77 -25.48 -17.66
C SER A 78 32.34 -26.70 -18.46
N VAL A 79 33.27 -27.32 -19.17
CA VAL A 79 32.94 -28.52 -19.93
C VAL A 79 32.54 -29.63 -18.97
N GLU A 80 33.33 -29.80 -17.91
CA GLU A 80 33.05 -30.84 -16.92
C GLU A 80 31.67 -30.64 -16.31
N MET A 81 31.36 -29.40 -15.95
CA MET A 81 30.06 -29.09 -15.35
C MET A 81 28.90 -29.35 -16.33
N PHE A 82 29.07 -28.93 -17.59
CA PHE A 82 28.05 -29.14 -18.60
C PHE A 82 27.83 -30.63 -18.84
N VAL A 83 28.93 -31.35 -19.04
CA VAL A 83 28.87 -32.78 -19.27
C VAL A 83 28.14 -33.52 -18.13
N GLU A 84 28.45 -33.15 -16.90
CA GLU A 84 27.81 -33.77 -15.73
C GLU A 84 26.33 -33.44 -15.69
N THR A 85 26.01 -32.18 -16.00
CA THR A 85 24.64 -31.74 -16.00
C THR A 85 23.83 -32.54 -17.01
N GLU A 86 24.36 -32.72 -18.22
CA GLU A 86 23.64 -33.49 -19.25
C GLU A 86 23.40 -34.92 -18.81
N ARG A 87 24.37 -35.52 -18.12
CA ARG A 87 24.19 -36.89 -17.66
C ARG A 87 23.05 -36.92 -16.65
N TRP A 88 23.08 -35.99 -15.70
CA TRP A 88 22.06 -35.92 -14.66
C TRP A 88 20.65 -35.76 -15.24
N ARG A 89 20.48 -34.82 -16.17
CA ARG A 89 19.17 -34.57 -16.78
C ARG A 89 18.57 -35.84 -17.37
N GLU A 90 19.42 -36.65 -18.01
CA GLU A 90 19.00 -37.88 -18.63
C GLU A 90 18.69 -38.97 -17.58
N GLU A 91 19.57 -39.13 -16.60
CA GLU A 91 19.35 -40.15 -15.57
C GLU A 91 18.21 -39.82 -14.61
N TYR A 92 18.02 -38.52 -14.34
CA TYR A 92 17.00 -38.06 -13.42
C TYR A 92 15.65 -37.91 -14.10
N GLY A 93 15.67 -37.70 -15.41
CA GLY A 93 14.43 -37.54 -16.15
C GLY A 93 13.99 -36.09 -16.26
N ALA A 94 14.92 -35.16 -16.05
CA ALA A 94 14.59 -33.74 -16.15
C ALA A 94 14.15 -33.37 -17.56
N ASN A 95 14.70 -34.05 -18.56
CA ASN A 95 14.35 -33.75 -19.95
C ASN A 95 12.90 -34.02 -20.34
N THR A 96 12.23 -34.91 -19.62
CA THR A 96 10.84 -35.22 -19.92
C THR A 96 9.92 -34.97 -18.73
N ILE A 97 10.45 -34.28 -17.73
CA ILE A 97 9.69 -34.01 -16.51
C ILE A 97 8.37 -33.27 -16.74
N ILE A 98 8.36 -32.28 -17.61
CA ILE A 98 7.13 -31.53 -17.91
C ILE A 98 6.14 -32.44 -18.64
N GLU A 99 6.67 -33.19 -19.59
CA GLU A 99 5.88 -34.12 -20.37
C GLU A 99 5.23 -35.17 -19.45
N ASP A 100 6.02 -35.71 -18.53
CA ASP A 100 5.51 -36.72 -17.59
C ASP A 100 4.45 -36.14 -16.64
N TYR A 101 4.60 -34.87 -16.28
CA TYR A 101 3.64 -34.23 -15.39
C TYR A 101 2.28 -34.15 -16.10
N GLU A 102 2.28 -33.70 -17.35
CA GLU A 102 1.05 -33.59 -18.11
C GLU A 102 0.33 -34.91 -18.30
N ASN A 103 1.08 -36.01 -18.38
CA ASN A 103 0.48 -37.33 -18.55
C ASN A 103 -0.25 -37.75 -17.29
N ASN A 104 0.15 -37.21 -16.15
CA ASN A 104 -0.48 -37.54 -14.87
C ASN A 104 -0.87 -36.25 -14.15
N LYS A 105 -1.31 -35.27 -14.91
CA LYS A 105 -1.68 -33.96 -14.36
C LYS A 105 -2.67 -33.97 -13.20
N GLU A 106 -3.84 -34.56 -13.42
CA GLU A 106 -4.87 -34.60 -12.38
C GLU A 106 -4.34 -35.06 -11.03
N ALA A 107 -3.61 -36.17 -11.03
CA ALA A 107 -3.04 -36.71 -9.80
C ALA A 107 -2.03 -35.74 -9.21
N GLU A 108 -1.14 -35.21 -10.04
CA GLU A 108 -0.11 -34.28 -9.60
C GLU A 108 -0.73 -33.04 -8.97
N ASP A 109 -1.64 -32.41 -9.69
CA ASP A 109 -2.28 -31.20 -9.18
C ASP A 109 -2.93 -31.43 -7.83
N LYS A 110 -3.63 -32.55 -7.66
CA LYS A 110 -4.27 -32.86 -6.39
C LYS A 110 -3.28 -32.84 -5.24
N GLU A 111 -2.13 -33.46 -5.45
CA GLU A 111 -1.12 -33.51 -4.41
C GLU A 111 -0.53 -32.13 -4.18
N ARG A 112 -0.37 -31.36 -5.25
CA ARG A 112 0.20 -30.03 -5.16
C ARG A 112 -0.72 -29.08 -4.38
N ILE A 113 -2.02 -29.22 -4.59
CA ILE A 113 -3.01 -28.38 -3.92
C ILE A 113 -3.02 -28.63 -2.41
N LYS A 114 -2.71 -29.85 -1.99
CA LYS A 114 -2.69 -30.20 -0.57
C LYS A 114 -1.64 -29.43 0.23
N LEU A 115 -0.51 -29.13 -0.39
CA LEU A 115 0.57 -28.43 0.31
C LEU A 115 0.59 -26.92 0.16
N ALA A 116 -0.17 -26.39 -0.81
CA ALA A 116 -0.19 -24.96 -1.09
C ALA A 116 -0.42 -24.04 0.11
N LYS A 117 -1.47 -24.30 0.88
CA LYS A 117 -1.76 -23.43 2.02
C LYS A 117 -0.66 -23.48 3.08
N MET A 118 -0.15 -24.67 3.34
CA MET A 118 0.90 -24.85 4.35
C MET A 118 2.25 -24.30 3.91
N TYR A 119 2.53 -24.37 2.62
CA TYR A 119 3.81 -23.89 2.09
C TYR A 119 3.57 -23.06 0.81
N PRO A 120 3.14 -21.81 0.98
CA PRO A 120 2.88 -20.91 -0.15
C PRO A 120 4.11 -20.68 -1.04
N GLN A 121 3.95 -20.92 -2.33
CA GLN A 121 5.02 -20.71 -3.31
C GLN A 121 4.33 -20.13 -4.54
N TYR A 122 4.59 -18.88 -4.86
CA TYR A 122 3.92 -18.29 -6.01
C TYR A 122 4.66 -17.17 -6.71
N TYR A 123 4.44 -17.08 -8.02
CA TYR A 123 5.03 -16.02 -8.83
C TYR A 123 3.98 -14.94 -8.90
N HIS A 124 4.43 -13.69 -8.83
CA HIS A 124 3.51 -12.57 -8.88
C HIS A 124 4.21 -11.39 -9.55
N HIS A 125 3.96 -11.23 -10.84
CA HIS A 125 4.56 -10.15 -11.63
C HIS A 125 6.08 -10.22 -11.75
N VAL A 126 6.72 -9.06 -11.88
CA VAL A 126 8.17 -8.99 -12.07
C VAL A 126 8.85 -7.87 -11.28
N ASP A 127 10.18 -7.87 -11.26
CA ASP A 127 10.93 -6.82 -10.56
C ASP A 127 11.22 -5.70 -11.57
N LYS A 128 11.96 -4.68 -11.16
CA LYS A 128 12.25 -3.55 -12.04
C LYS A 128 13.04 -3.88 -13.30
N ASP A 129 13.67 -5.05 -13.34
CA ASP A 129 14.43 -5.43 -14.53
C ASP A 129 13.65 -6.43 -15.39
N GLY A 130 12.45 -6.78 -14.94
CA GLY A 130 11.67 -7.72 -15.71
C GLY A 130 11.82 -9.16 -15.29
N ARG A 131 12.54 -9.41 -14.19
CA ARG A 131 12.72 -10.77 -13.69
C ARG A 131 11.44 -11.25 -13.01
N PRO A 132 11.11 -12.55 -13.13
CA PRO A 132 9.90 -13.06 -12.48
C PRO A 132 10.02 -12.84 -10.98
N LEU A 133 8.95 -12.39 -10.35
CA LEU A 133 8.95 -12.14 -8.91
C LEU A 133 8.41 -13.39 -8.23
N TYR A 134 9.23 -14.04 -7.42
CA TYR A 134 8.85 -15.29 -6.77
C TYR A 134 8.76 -15.18 -5.24
N PHE A 135 7.66 -15.66 -4.67
CA PHE A 135 7.46 -15.60 -3.22
C PHE A 135 7.30 -16.97 -2.57
N GLU A 136 7.88 -17.12 -1.39
CA GLU A 136 7.77 -18.36 -0.61
C GLU A 136 7.61 -17.98 0.85
N GLU A 137 6.61 -18.56 1.50
CA GLU A 137 6.35 -18.29 2.91
C GLU A 137 6.54 -19.61 3.67
N LEU A 138 7.33 -19.56 4.74
CA LEU A 138 7.63 -20.77 5.50
C LEU A 138 7.07 -20.89 6.91
N GLY A 139 6.47 -19.82 7.42
CA GLY A 139 5.94 -19.85 8.77
C GLY A 139 4.81 -20.84 9.03
N GLY A 140 4.06 -21.17 7.99
CA GLY A 140 2.95 -22.09 8.16
C GLY A 140 3.28 -23.57 8.06
N ILE A 141 4.53 -23.88 7.73
CA ILE A 141 4.95 -25.26 7.60
C ILE A 141 4.95 -26.05 8.91
N ASN A 142 4.31 -27.21 8.88
CA ASN A 142 4.24 -28.10 10.02
C ASN A 142 4.85 -29.40 9.49
N LEU A 143 6.08 -29.68 9.89
CA LEU A 143 6.77 -30.88 9.42
C LEU A 143 5.99 -32.18 9.55
N LYS A 144 5.43 -32.42 10.73
CA LYS A 144 4.66 -33.64 10.98
C LYS A 144 3.61 -33.86 9.89
N LYS A 145 2.86 -32.81 9.56
CA LYS A 145 1.84 -32.88 8.53
C LYS A 145 2.43 -32.95 7.13
N MET A 146 3.58 -32.29 6.94
CA MET A 146 4.26 -32.29 5.66
C MET A 146 4.59 -33.72 5.26
N TYR A 147 5.22 -34.44 6.18
CA TYR A 147 5.63 -35.82 5.96
C TYR A 147 4.47 -36.77 5.65
N LYS A 148 3.25 -36.35 5.92
CA LYS A 148 2.08 -37.20 5.66
C LYS A 148 1.51 -36.96 4.27
N ILE A 149 1.92 -35.87 3.65
CA ILE A 149 1.42 -35.51 2.33
C ILE A 149 2.43 -35.69 1.22
N THR A 150 3.70 -35.48 1.54
CA THR A 150 4.75 -35.58 0.53
C THR A 150 6.02 -36.18 1.11
N THR A 151 7.03 -36.35 0.26
CA THR A 151 8.32 -36.89 0.69
C THR A 151 9.38 -35.88 0.26
N GLU A 152 10.57 -35.97 0.84
CA GLU A 152 11.66 -35.06 0.51
C GLU A 152 12.04 -35.15 -0.97
N LYS A 153 12.15 -36.36 -1.49
CA LYS A 153 12.51 -36.57 -2.89
C LYS A 153 11.44 -35.98 -3.79
N GLN A 154 10.20 -36.05 -3.32
CA GLN A 154 9.06 -35.53 -4.07
C GLN A 154 9.17 -34.01 -4.16
N MET A 155 9.61 -33.38 -3.09
CA MET A 155 9.74 -31.93 -3.10
C MET A 155 10.84 -31.48 -4.04
N LEU A 156 11.90 -32.28 -4.12
CA LEU A 156 13.00 -31.96 -5.03
C LEU A 156 12.49 -32.05 -6.46
N ARG A 157 11.69 -33.08 -6.74
CA ARG A 157 11.12 -33.26 -8.07
C ARG A 157 10.34 -32.04 -8.53
N ASN A 158 9.54 -31.49 -7.62
CA ASN A 158 8.75 -30.30 -7.91
C ASN A 158 9.67 -29.12 -8.22
N LEU A 159 10.76 -29.02 -7.47
CA LEU A 159 11.73 -27.95 -7.65
C LEU A 159 12.34 -28.06 -9.06
N VAL A 160 12.70 -29.28 -9.44
CA VAL A 160 13.27 -29.53 -10.76
C VAL A 160 12.21 -29.18 -11.81
N LYS A 161 10.98 -29.63 -11.60
CA LYS A 161 9.91 -29.33 -12.56
C LYS A 161 9.72 -27.83 -12.73
N GLU A 162 9.75 -27.08 -11.62
CA GLU A 162 9.59 -25.62 -11.70
C GLU A 162 10.76 -24.98 -12.47
N TYR A 163 11.97 -25.48 -12.26
CA TYR A 163 13.11 -24.93 -13.02
C TYR A 163 12.85 -25.11 -14.52
N GLU A 164 12.33 -26.28 -14.90
CA GLU A 164 12.07 -26.52 -16.32
C GLU A 164 10.95 -25.62 -16.81
N LEU A 165 9.92 -25.41 -16.00
CA LEU A 165 8.81 -24.53 -16.36
C LEU A 165 9.31 -23.09 -16.47
N PHE A 166 10.20 -22.72 -15.57
CA PHE A 166 10.79 -21.39 -15.56
C PHE A 166 11.49 -21.14 -16.89
N ALA A 167 12.28 -22.11 -17.33
CA ALA A 167 13.03 -21.99 -18.58
C ALA A 167 12.19 -22.02 -19.86
N THR A 168 11.14 -22.85 -19.90
CA THR A 168 10.36 -22.90 -21.14
C THR A 168 9.18 -21.92 -21.29
N TYR A 169 8.59 -21.47 -20.18
CA TYR A 169 7.46 -20.55 -20.26
C TYR A 169 7.68 -19.15 -19.71
N ARG A 170 8.29 -19.07 -18.52
CA ARG A 170 8.51 -17.79 -17.88
C ARG A 170 9.58 -16.93 -18.53
N VAL A 171 10.73 -17.52 -18.85
CA VAL A 171 11.83 -16.80 -19.49
C VAL A 171 11.43 -16.18 -20.84
N PRO A 172 10.79 -16.96 -21.72
CA PRO A 172 10.40 -16.38 -23.01
C PRO A 172 9.45 -15.20 -22.86
N ALA A 173 8.36 -15.39 -22.11
CA ALA A 173 7.39 -14.31 -21.91
C ALA A 173 8.02 -13.09 -21.24
N CYS A 174 8.73 -13.31 -20.13
CA CYS A 174 9.37 -12.20 -19.45
C CYS A 174 10.38 -11.48 -20.34
N SER A 175 11.09 -12.21 -21.18
CA SER A 175 12.07 -11.62 -22.07
C SER A 175 11.41 -10.73 -23.13
N ARG A 176 10.30 -11.19 -23.70
CA ARG A 176 9.57 -10.43 -24.72
C ARG A 176 8.99 -9.14 -24.13
N ARG A 177 8.52 -9.20 -22.90
CA ARG A 177 7.95 -8.02 -22.28
C ARG A 177 9.04 -7.01 -21.95
N ALA A 178 10.18 -7.51 -21.49
CA ALA A 178 11.31 -6.65 -21.13
C ALA A 178 12.10 -6.14 -22.34
N GLY A 179 12.02 -6.84 -23.47
CA GLY A 179 12.76 -6.43 -24.64
C GLY A 179 14.22 -6.86 -24.59
N TYR A 180 14.57 -7.59 -23.53
CA TYR A 180 15.91 -8.10 -23.32
C TYR A 180 15.77 -9.49 -22.70
N LEU A 181 16.81 -10.31 -22.83
CA LEU A 181 16.80 -11.66 -22.28
C LEU A 181 16.77 -11.65 -20.75
N ILE A 182 15.81 -12.39 -20.17
CA ILE A 182 15.69 -12.51 -18.71
C ILE A 182 16.13 -13.94 -18.40
N GLU A 183 17.07 -14.10 -17.48
CA GLU A 183 17.58 -15.44 -17.15
C GLU A 183 17.45 -15.81 -15.70
N THR A 184 17.11 -14.86 -14.85
CA THR A 184 17.03 -15.13 -13.42
C THR A 184 15.73 -14.64 -12.80
N SER A 185 15.56 -14.94 -11.51
CA SER A 185 14.37 -14.51 -10.82
C SER A 185 14.69 -13.62 -9.64
N CYS A 186 13.68 -12.94 -9.13
CA CYS A 186 13.82 -12.08 -7.97
C CYS A 186 13.01 -12.80 -6.91
N THR A 187 13.70 -13.39 -5.94
CA THR A 187 13.04 -14.17 -4.92
C THR A 187 12.91 -13.53 -3.55
N VAL A 188 11.76 -13.73 -2.93
CA VAL A 188 11.51 -13.22 -1.59
C VAL A 188 11.12 -14.41 -0.70
N LEU A 189 11.94 -14.66 0.31
CA LEU A 189 11.69 -15.76 1.24
C LEU A 189 11.17 -15.17 2.55
N ASP A 190 9.90 -15.41 2.85
CA ASP A 190 9.29 -14.89 4.07
C ASP A 190 9.35 -15.92 5.20
N LEU A 191 10.17 -15.62 6.22
CA LEU A 191 10.33 -16.55 7.35
C LEU A 191 9.48 -16.20 8.56
N LYS A 192 8.58 -15.24 8.39
CA LYS A 192 7.73 -14.85 9.51
C LYS A 192 7.06 -16.04 10.19
N GLY A 193 7.32 -16.21 11.48
CA GLY A 193 6.70 -17.28 12.24
C GLY A 193 7.39 -18.63 12.30
N ILE A 194 8.52 -18.79 11.62
CA ILE A 194 9.21 -20.08 11.68
C ILE A 194 9.90 -20.20 13.03
N SER A 195 10.25 -21.43 13.39
CA SER A 195 10.97 -21.65 14.63
C SER A 195 12.37 -22.09 14.19
N LEU A 196 13.39 -21.50 14.81
CA LEU A 196 14.76 -21.86 14.47
C LEU A 196 14.95 -23.37 14.57
N SER A 197 14.28 -23.99 15.52
CA SER A 197 14.40 -25.43 15.72
C SER A 197 14.00 -26.21 14.48
N ASN A 198 12.92 -25.79 13.81
CA ASN A 198 12.48 -26.48 12.61
C ASN A 198 13.48 -26.25 11.48
N ALA A 199 14.05 -25.05 11.44
CA ALA A 199 15.04 -24.69 10.44
C ALA A 199 16.20 -25.67 10.44
N TYR A 200 16.70 -25.98 11.64
CA TYR A 200 17.82 -26.90 11.78
C TYR A 200 17.45 -28.31 11.32
N HIS A 201 16.22 -28.72 11.55
CA HIS A 201 15.79 -30.06 11.13
C HIS A 201 15.65 -30.26 9.63
N VAL A 202 15.59 -29.17 8.86
CA VAL A 202 15.44 -29.29 7.42
C VAL A 202 16.72 -28.95 6.64
N LEU A 203 17.85 -28.95 7.33
CA LEU A 203 19.13 -28.66 6.68
C LEU A 203 19.46 -29.57 5.52
N SER A 204 19.17 -30.86 5.67
CA SER A 204 19.46 -31.83 4.63
C SER A 204 18.69 -31.50 3.36
N TYR A 205 17.48 -30.97 3.53
CA TYR A 205 16.67 -30.60 2.37
C TYR A 205 17.30 -29.37 1.71
N ILE A 206 17.65 -28.39 2.53
CA ILE A 206 18.27 -27.16 2.03
C ILE A 206 19.53 -27.50 1.25
N LYS A 207 20.29 -28.45 1.78
CA LYS A 207 21.53 -28.90 1.14
C LYS A 207 21.22 -29.53 -0.23
N ASP A 208 20.18 -30.35 -0.29
CA ASP A 208 19.82 -30.99 -1.56
C ASP A 208 19.36 -29.96 -2.58
N VAL A 209 18.62 -28.96 -2.12
CA VAL A 209 18.12 -27.91 -3.00
C VAL A 209 19.29 -27.11 -3.55
N ALA A 210 20.23 -26.76 -2.68
CA ALA A 210 21.40 -25.99 -3.06
C ALA A 210 22.27 -26.75 -4.06
N ASP A 211 22.39 -28.07 -3.87
CA ASP A 211 23.19 -28.90 -4.77
C ASP A 211 22.59 -28.96 -6.16
N ILE A 212 21.29 -29.19 -6.25
CA ILE A 212 20.65 -29.26 -7.56
C ILE A 212 20.78 -27.92 -8.29
N SER A 213 20.42 -26.85 -7.60
CA SER A 213 20.50 -25.50 -8.16
C SER A 213 21.90 -25.15 -8.67
N GLN A 214 22.89 -25.23 -7.80
CA GLN A 214 24.25 -24.87 -8.16
C GLN A 214 24.92 -25.78 -9.19
N ASN A 215 24.64 -27.08 -9.13
CA ASN A 215 25.26 -28.01 -10.07
C ASN A 215 24.58 -28.12 -11.43
N TYR A 216 23.25 -28.06 -11.45
CA TYR A 216 22.55 -28.25 -12.70
C TYR A 216 21.79 -27.07 -13.28
N TYR A 217 21.70 -26.00 -12.49
CA TYR A 217 20.99 -24.80 -12.92
C TYR A 217 21.82 -23.59 -12.53
N PRO A 218 23.07 -23.54 -13.01
CA PRO A 218 23.94 -22.41 -12.68
C PRO A 218 23.38 -21.07 -13.12
N GLU A 219 23.72 -20.05 -12.34
CA GLU A 219 23.33 -18.67 -12.62
C GLU A 219 21.86 -18.41 -12.83
N ARG A 220 20.99 -19.16 -12.15
CA ARG A 220 19.56 -18.91 -12.28
C ARG A 220 19.09 -17.93 -11.19
N MET A 221 19.92 -17.69 -10.19
CA MET A 221 19.58 -16.76 -9.11
C MET A 221 19.82 -15.30 -9.52
N GLY A 222 18.83 -14.44 -9.27
CA GLY A 222 18.96 -13.04 -9.60
C GLY A 222 19.19 -12.25 -8.33
N LYS A 223 18.14 -12.16 -7.53
CA LYS A 223 18.16 -11.46 -6.24
C LYS A 223 17.43 -12.40 -5.29
N PHE A 224 17.97 -12.62 -4.09
CA PHE A 224 17.31 -13.50 -3.13
C PHE A 224 17.20 -12.80 -1.76
N TYR A 225 16.00 -12.35 -1.42
CA TYR A 225 15.77 -11.67 -0.15
C TYR A 225 15.15 -12.55 0.92
N ILE A 226 15.73 -12.52 2.12
CA ILE A 226 15.22 -13.27 3.25
C ILE A 226 14.66 -12.22 4.22
N ILE A 227 13.37 -12.32 4.50
CA ILE A 227 12.72 -11.35 5.37
C ILE A 227 12.02 -11.99 6.54
N HIS A 228 11.78 -11.18 7.57
CA HIS A 228 11.11 -11.62 8.79
C HIS A 228 11.86 -12.77 9.47
N SER A 229 13.16 -12.84 9.27
CA SER A 229 13.92 -13.92 9.91
C SER A 229 13.92 -13.67 11.42
N PRO A 230 13.83 -14.73 12.24
CA PRO A 230 13.82 -14.61 13.69
C PRO A 230 15.19 -14.29 14.30
N PHE A 231 15.19 -13.86 15.55
CA PHE A 231 16.46 -13.57 16.22
C PHE A 231 17.23 -14.89 16.24
N GLY A 232 18.53 -14.81 15.99
CA GLY A 232 19.34 -16.01 15.99
C GLY A 232 19.39 -16.71 14.63
N PHE A 233 18.74 -16.13 13.61
CA PHE A 233 18.75 -16.76 12.30
C PHE A 233 20.17 -16.77 11.74
N SER A 234 20.94 -15.75 12.07
CA SER A 234 22.32 -15.66 11.61
C SER A 234 23.11 -16.91 12.01
N THR A 235 22.83 -17.45 13.19
CA THR A 235 23.50 -18.66 13.67
C THR A 235 23.15 -19.83 12.77
N MET A 236 21.87 -19.94 12.45
CA MET A 236 21.39 -21.02 11.59
C MET A 236 21.89 -20.89 10.16
N PHE A 237 22.08 -19.65 9.68
CA PHE A 237 22.56 -19.45 8.32
C PHE A 237 24.01 -19.90 8.18
N LYS A 238 24.73 -19.90 9.30
CA LYS A 238 26.13 -20.34 9.33
C LYS A 238 26.23 -21.82 9.01
N MET A 239 25.12 -22.53 9.19
CA MET A 239 25.08 -23.97 8.91
C MET A 239 24.83 -24.16 7.42
N VAL A 240 24.32 -23.12 6.76
CA VAL A 240 24.00 -23.18 5.34
C VAL A 240 25.12 -22.72 4.42
N LYS A 241 25.78 -21.62 4.78
CA LYS A 241 26.84 -21.06 3.95
C LYS A 241 27.90 -22.06 3.47
N PRO A 242 28.27 -23.04 4.31
CA PRO A 242 29.28 -24.05 3.93
C PRO A 242 29.06 -24.71 2.57
N PHE A 243 27.81 -24.97 2.19
CA PHE A 243 27.58 -25.60 0.92
C PHE A 243 27.05 -24.69 -0.17
N LEU A 244 27.24 -23.38 0.02
CA LEU A 244 26.83 -22.39 -0.97
C LEU A 244 28.12 -21.82 -1.53
N ASP A 245 28.22 -21.69 -2.85
CA ASP A 245 29.45 -21.13 -3.39
C ASP A 245 29.39 -19.60 -3.27
N PRO A 246 30.55 -18.93 -3.32
CA PRO A 246 30.66 -17.48 -3.22
C PRO A 246 29.65 -16.64 -4.00
N VAL A 247 29.43 -16.95 -5.28
CA VAL A 247 28.47 -16.18 -6.08
C VAL A 247 27.06 -16.30 -5.51
N THR A 248 26.67 -17.51 -5.12
CA THR A 248 25.34 -17.74 -4.56
C THR A 248 25.16 -16.86 -3.33
N VAL A 249 26.12 -16.91 -2.41
CA VAL A 249 26.06 -16.11 -1.20
C VAL A 249 25.91 -14.62 -1.51
N SER A 250 26.62 -14.15 -2.54
CA SER A 250 26.57 -12.74 -2.93
C SER A 250 25.19 -12.28 -3.40
N LYS A 251 24.30 -13.21 -3.71
CA LYS A 251 22.95 -12.85 -4.17
C LYS A 251 21.91 -12.87 -3.05
N ILE A 252 22.30 -13.36 -1.88
CA ILE A 252 21.40 -13.45 -0.75
C ILE A 252 21.45 -12.25 0.19
N PHE A 253 20.29 -11.66 0.45
CA PHE A 253 20.23 -10.51 1.34
C PHE A 253 19.27 -10.77 2.47
N ILE A 254 19.78 -10.76 3.70
CA ILE A 254 18.95 -10.98 4.87
C ILE A 254 18.53 -9.59 5.33
N LEU A 255 17.27 -9.25 5.10
CA LEU A 255 16.78 -7.91 5.45
C LEU A 255 16.29 -7.73 6.88
N GLY A 256 16.46 -6.50 7.39
CA GLY A 256 16.04 -6.16 8.73
C GLY A 256 14.63 -5.59 8.78
N SER A 257 14.35 -4.80 9.81
CA SER A 257 13.02 -4.22 9.97
C SER A 257 12.57 -3.26 8.87
N SER A 258 13.52 -2.66 8.15
CA SER A 258 13.13 -1.75 7.07
C SER A 258 13.20 -2.47 5.71
N TYR A 259 12.89 -3.76 5.71
CA TYR A 259 12.93 -4.55 4.48
C TYR A 259 12.03 -4.04 3.35
N LYS A 260 10.90 -3.43 3.68
CA LYS A 260 10.00 -2.93 2.63
C LYS A 260 10.71 -1.90 1.76
N LYS A 261 11.48 -1.03 2.39
CA LYS A 261 12.21 0.01 1.68
C LYS A 261 13.24 -0.61 0.74
N GLU A 262 13.81 -1.73 1.16
CA GLU A 262 14.79 -2.41 0.34
C GLU A 262 14.11 -3.10 -0.86
N LEU A 263 12.96 -3.71 -0.62
CA LEU A 263 12.24 -4.38 -1.70
C LEU A 263 11.80 -3.34 -2.73
N LEU A 264 11.43 -2.15 -2.24
CA LEU A 264 11.01 -1.08 -3.13
C LEU A 264 12.14 -0.54 -4.01
N LYS A 265 13.38 -0.82 -3.66
CA LYS A 265 14.48 -0.36 -4.50
C LYS A 265 14.54 -1.26 -5.75
N GLN A 266 14.13 -2.51 -5.56
CA GLN A 266 14.19 -3.50 -6.63
C GLN A 266 12.88 -3.83 -7.33
N ILE A 267 11.77 -3.67 -6.62
CA ILE A 267 10.47 -4.03 -7.17
C ILE A 267 9.48 -2.87 -7.30
N PRO A 268 8.79 -2.77 -8.45
CA PRO A 268 7.81 -1.70 -8.64
C PRO A 268 6.77 -1.81 -7.53
N ILE A 269 6.39 -0.68 -6.96
CA ILE A 269 5.42 -0.71 -5.87
C ILE A 269 4.10 -1.40 -6.27
N GLU A 270 3.66 -1.20 -7.52
CA GLU A 270 2.42 -1.80 -7.99
C GLU A 270 2.48 -3.32 -8.22
N ASN A 271 3.67 -3.89 -8.16
CA ASN A 271 3.82 -5.33 -8.35
C ASN A 271 4.03 -6.07 -7.03
N LEU A 272 4.38 -5.31 -6.00
CA LEU A 272 4.62 -5.86 -4.66
C LEU A 272 3.33 -5.96 -3.83
N PRO A 273 2.99 -7.17 -3.34
CA PRO A 273 1.77 -7.32 -2.55
C PRO A 273 1.72 -6.35 -1.38
N VAL A 274 0.51 -6.00 -0.97
CA VAL A 274 0.29 -5.06 0.13
C VAL A 274 1.00 -5.46 1.44
N LYS A 275 0.99 -6.73 1.80
CA LYS A 275 1.64 -7.13 3.04
C LYS A 275 3.16 -7.00 3.00
N TYR A 276 3.70 -6.77 1.82
CA TYR A 276 5.14 -6.62 1.68
C TYR A 276 5.52 -5.17 1.35
N GLY A 277 4.57 -4.25 1.49
CA GLY A 277 4.86 -2.86 1.24
C GLY A 277 4.41 -2.27 -0.09
N GLY A 278 3.72 -3.06 -0.90
CA GLY A 278 3.25 -2.55 -2.18
C GLY A 278 1.76 -2.30 -2.20
N THR A 279 1.20 -2.21 -3.39
CA THR A 279 -0.22 -1.99 -3.56
C THR A 279 -0.87 -3.08 -4.42
N SER A 280 -0.14 -4.16 -4.69
CA SER A 280 -0.71 -5.20 -5.55
C SER A 280 -1.73 -6.09 -4.84
N VAL A 281 -2.86 -6.31 -5.51
CA VAL A 281 -3.93 -7.13 -5.00
C VAL A 281 -4.45 -8.04 -6.11
N LEU A 282 -5.20 -9.08 -5.73
CA LEU A 282 -5.78 -10.01 -6.70
C LEU A 282 -7.14 -9.48 -7.15
N HIS A 283 -7.51 -9.77 -8.39
CA HIS A 283 -8.79 -9.30 -8.92
C HIS A 283 -9.93 -9.61 -7.94
N ASN A 284 -9.93 -10.82 -7.40
CA ASN A 284 -10.91 -11.22 -6.41
C ASN A 284 -10.26 -11.27 -5.04
N PRO A 285 -10.55 -10.27 -4.22
CA PRO A 285 -9.96 -10.18 -2.89
C PRO A 285 -10.09 -11.41 -2.01
N ASN A 286 -11.00 -12.31 -2.36
CA ASN A 286 -11.17 -13.53 -1.58
C ASN A 286 -10.30 -14.68 -2.06
N ASP A 287 -9.62 -14.48 -3.20
CA ASP A 287 -8.74 -15.51 -3.73
C ASP A 287 -7.45 -15.57 -2.92
N LYS A 288 -6.76 -16.71 -2.97
CA LYS A 288 -5.53 -16.88 -2.21
C LYS A 288 -4.28 -16.75 -3.07
N PHE A 289 -3.24 -16.16 -2.48
CA PHE A 289 -1.98 -15.99 -3.18
C PHE A 289 -1.32 -17.35 -3.42
N TYR A 290 -1.52 -18.29 -2.49
CA TYR A 290 -0.91 -19.60 -2.64
C TYR A 290 -1.50 -20.49 -3.73
N TYR A 291 -2.49 -19.96 -4.45
CA TYR A 291 -3.10 -20.68 -5.57
C TYR A 291 -2.93 -19.82 -6.82
N SER A 292 -2.14 -18.76 -6.72
CA SER A 292 -1.96 -17.86 -7.87
C SER A 292 -0.65 -18.02 -8.64
N ASP A 293 -0.71 -17.59 -9.90
CA ASP A 293 0.45 -17.63 -10.78
C ASP A 293 0.24 -16.51 -11.78
N ILE A 294 0.58 -15.30 -11.36
CA ILE A 294 0.39 -14.11 -12.18
C ILE A 294 1.69 -13.53 -12.74
N GLY A 295 1.70 -13.28 -14.04
CA GLY A 295 2.87 -12.74 -14.68
C GLY A 295 2.76 -12.67 -16.20
N PRO A 296 3.80 -12.14 -16.87
CA PRO A 296 3.83 -12.00 -18.33
C PRO A 296 3.47 -13.27 -19.10
N TRP A 297 3.82 -14.43 -18.54
CA TRP A 297 3.56 -15.72 -19.16
C TRP A 297 2.07 -16.05 -19.17
N ARG A 298 1.26 -15.15 -18.62
CA ARG A 298 -0.19 -15.33 -18.59
C ARG A 298 -0.81 -14.29 -19.53
N ASP A 299 0.03 -13.48 -20.15
CA ASP A 299 -0.44 -12.43 -21.05
C ASP A 299 -0.31 -12.93 -22.48
N PRO A 300 -1.45 -13.16 -23.14
CA PRO A 300 -1.45 -13.65 -24.53
C PRO A 300 -0.47 -12.90 -25.44
N ARG A 301 -0.27 -11.62 -25.16
CA ARG A 301 0.63 -10.81 -25.97
C ARG A 301 2.09 -11.23 -25.86
N TYR A 302 2.46 -11.89 -24.78
CA TYR A 302 3.84 -12.32 -24.55
C TYR A 302 4.04 -13.84 -24.61
N ILE A 303 2.98 -14.57 -24.89
CA ILE A 303 3.06 -16.02 -24.98
C ILE A 303 3.40 -16.32 -26.44
N GLY A 304 4.39 -17.17 -26.65
CA GLY A 304 4.81 -17.50 -28.00
C GLY A 304 4.49 -18.92 -28.41
N PRO A 305 5.27 -19.47 -29.35
CA PRO A 305 5.08 -20.84 -29.85
C PRO A 305 5.18 -21.91 -28.78
N GLU A 306 5.84 -21.58 -27.67
CA GLU A 306 5.98 -22.54 -26.58
C GLU A 306 4.62 -22.85 -25.96
N GLY A 307 3.65 -21.97 -26.21
CA GLY A 307 2.32 -22.17 -25.67
C GLY A 307 2.21 -21.68 -24.23
N GLU A 308 1.04 -21.82 -23.62
CA GLU A 308 0.89 -21.34 -22.25
C GLU A 308 1.22 -22.41 -21.22
N ILE A 309 1.85 -21.97 -20.15
CA ILE A 309 2.25 -22.80 -19.04
C ILE A 309 1.05 -23.54 -18.45
N PRO A 310 1.25 -24.79 -18.03
CA PRO A 310 0.14 -25.55 -17.44
C PRO A 310 -0.26 -24.95 -16.10
N ASN A 311 -1.48 -25.22 -15.66
CA ASN A 311 -1.94 -24.70 -14.37
C ASN A 311 -1.55 -25.63 -13.24
N ILE A 312 -0.59 -25.16 -12.43
CA ILE A 312 -0.05 -25.92 -11.31
C ILE A 312 -1.04 -26.39 -10.25
N PHE A 313 -2.12 -25.64 -10.03
CA PHE A 313 -3.09 -26.06 -9.03
C PHE A 313 -4.43 -26.41 -9.69
N GLY A 314 -4.34 -26.91 -10.91
CA GLY A 314 -5.54 -27.30 -11.63
C GLY A 314 -6.54 -26.16 -11.75
N LYS A 315 -7.83 -26.49 -11.54
CA LYS A 315 -8.91 -25.51 -11.65
C LYS A 315 -8.86 -24.41 -10.59
N PHE A 316 -8.06 -24.62 -9.55
CA PHE A 316 -7.94 -23.63 -8.48
C PHE A 316 -6.90 -22.56 -8.75
N THR A 317 -6.16 -22.72 -9.84
CA THR A 317 -5.12 -21.77 -10.19
C THR A 317 -5.72 -20.39 -10.47
N VAL A 318 -5.19 -19.40 -9.76
CA VAL A 318 -5.61 -18.01 -9.88
C VAL A 318 -4.61 -17.31 -10.78
N THR A 319 -5.06 -16.81 -11.92
CA THR A 319 -4.16 -16.15 -12.84
C THR A 319 -4.40 -14.65 -12.95
N SER A 320 -5.23 -14.13 -12.06
CA SER A 320 -5.49 -12.69 -12.00
C SER A 320 -6.20 -12.33 -10.71
N THR B 13 -29.69 29.81 -10.18
CA THR B 13 -29.72 28.41 -9.65
C THR B 13 -28.77 28.28 -8.47
N SER B 14 -29.29 27.79 -7.35
CA SER B 14 -28.47 27.61 -6.16
C SER B 14 -27.44 26.51 -6.41
N ILE B 15 -26.30 26.60 -5.74
CA ILE B 15 -25.28 25.58 -5.90
C ILE B 15 -25.84 24.29 -5.30
N LEU B 16 -26.69 24.43 -4.29
CA LEU B 16 -27.31 23.30 -3.61
C LEU B 16 -27.98 22.32 -4.57
N ASP B 17 -28.36 22.79 -5.75
CA ASP B 17 -28.99 21.91 -6.73
C ASP B 17 -27.98 21.15 -7.58
N THR B 18 -26.69 21.43 -7.40
CA THR B 18 -25.67 20.74 -8.18
C THR B 18 -25.02 19.56 -7.45
N TYR B 19 -25.46 19.29 -6.23
CA TYR B 19 -24.94 18.14 -5.48
C TYR B 19 -26.02 17.58 -4.56
N PRO B 20 -25.92 16.27 -4.24
CA PRO B 20 -26.88 15.59 -3.37
C PRO B 20 -27.17 16.27 -2.05
N GLN B 21 -28.45 16.40 -1.71
CA GLN B 21 -28.86 17.02 -0.46
C GLN B 21 -29.52 15.98 0.45
N ILE B 22 -29.43 14.72 0.03
CA ILE B 22 -30.00 13.60 0.77
C ILE B 22 -28.85 12.75 1.29
N CYS B 23 -28.83 12.48 2.59
CA CYS B 23 -27.79 11.65 3.17
C CYS B 23 -28.01 10.19 2.82
N SER B 24 -26.97 9.38 3.01
CA SER B 24 -27.08 7.96 2.76
C SER B 24 -28.15 7.42 3.70
N PRO B 25 -28.97 6.46 3.23
CA PRO B 25 -30.03 5.88 4.06
C PRO B 25 -29.47 5.10 5.26
N ASN B 26 -28.16 4.86 5.25
CA ASN B 26 -27.53 4.13 6.35
C ASN B 26 -26.94 5.08 7.40
N ALA B 27 -27.18 6.37 7.22
CA ALA B 27 -26.68 7.38 8.15
C ALA B 27 -27.47 7.40 9.46
N LEU B 28 -27.01 8.20 10.41
CA LEU B 28 -27.67 8.32 11.70
C LEU B 28 -29.03 9.00 11.56
N PRO B 29 -29.89 8.85 12.57
CA PRO B 29 -31.22 9.46 12.53
C PRO B 29 -31.18 10.99 12.59
N GLY B 30 -32.22 11.61 12.05
CA GLY B 30 -32.30 13.06 12.07
C GLY B 30 -31.49 13.73 10.98
N THR B 31 -30.94 12.94 10.07
CA THR B 31 -30.16 13.47 8.96
C THR B 31 -31.06 13.64 7.73
N PRO B 32 -30.69 14.54 6.80
CA PRO B 32 -31.46 14.79 5.58
C PRO B 32 -31.87 13.53 4.85
N GLY B 33 -33.18 13.36 4.64
CA GLY B 33 -33.72 12.20 3.96
C GLY B 33 -33.97 10.99 4.85
N ASN B 34 -33.56 11.07 6.11
CA ASN B 34 -33.75 9.95 7.04
C ASN B 34 -34.60 10.38 8.23
N LEU B 35 -35.49 11.32 7.98
CA LEU B 35 -36.33 11.88 9.04
C LEU B 35 -37.63 11.14 9.36
N THR B 36 -38.07 11.27 10.60
CA THR B 36 -39.33 10.69 11.04
C THR B 36 -40.36 11.75 10.67
N LYS B 37 -41.64 11.43 10.80
CA LYS B 37 -42.68 12.39 10.46
C LYS B 37 -42.60 13.63 11.34
N GLU B 38 -42.38 13.45 12.64
CA GLU B 38 -42.28 14.57 13.56
C GLU B 38 -41.07 15.46 13.32
N GLN B 39 -39.94 14.85 12.96
CA GLN B 39 -38.74 15.63 12.67
C GLN B 39 -38.99 16.46 11.42
N GLU B 40 -39.70 15.86 10.45
CA GLU B 40 -40.03 16.53 9.21
C GLU B 40 -40.84 17.78 9.51
N GLU B 41 -41.85 17.61 10.37
CA GLU B 41 -42.73 18.71 10.76
C GLU B 41 -41.97 19.78 11.55
N ALA B 42 -41.06 19.36 12.43
CA ALA B 42 -40.28 20.31 13.21
C ALA B 42 -39.40 21.14 12.26
N LEU B 43 -38.87 20.51 11.22
CA LEU B 43 -38.03 21.21 10.27
C LEU B 43 -38.85 22.30 9.57
N LEU B 44 -40.07 21.97 9.18
CA LEU B 44 -40.94 22.94 8.51
C LEU B 44 -41.26 24.12 9.42
N GLN B 45 -41.50 23.83 10.70
CA GLN B 45 -41.80 24.87 11.68
C GLN B 45 -40.58 25.75 11.95
N PHE B 46 -39.43 25.10 12.01
CA PHE B 46 -38.16 25.78 12.25
C PHE B 46 -37.95 26.81 11.14
N ARG B 47 -37.93 26.34 9.89
CA ARG B 47 -37.72 27.24 8.76
C ARG B 47 -38.73 28.39 8.77
N SER B 48 -39.99 28.05 9.03
CA SER B 48 -41.06 29.04 9.07
C SER B 48 -40.79 30.17 10.06
N ILE B 49 -40.31 29.83 11.25
CA ILE B 49 -40.01 30.84 12.27
C ILE B 49 -38.89 31.76 11.77
N LEU B 50 -37.79 31.15 11.33
CA LEU B 50 -36.64 31.92 10.83
C LEU B 50 -37.05 32.82 9.66
N LEU B 51 -37.85 32.28 8.76
CA LEU B 51 -38.33 33.02 7.61
C LEU B 51 -39.11 34.25 8.09
N GLU B 52 -39.92 34.05 9.12
CA GLU B 52 -40.72 35.11 9.70
C GLU B 52 -39.84 36.18 10.35
N LYS B 53 -38.68 35.78 10.88
CA LYS B 53 -37.76 36.71 11.53
C LYS B 53 -36.87 37.41 10.52
N ASN B 54 -37.15 37.15 9.25
CA ASN B 54 -36.45 37.73 8.11
C ASN B 54 -35.04 37.22 7.83
N TYR B 55 -34.83 35.94 8.06
CA TYR B 55 -33.55 35.31 7.76
C TYR B 55 -33.76 34.75 6.36
N LYS B 56 -32.73 34.79 5.52
CA LYS B 56 -32.89 34.29 4.17
C LYS B 56 -31.82 33.32 3.70
N GLU B 57 -30.66 33.36 4.34
CA GLU B 57 -29.55 32.49 3.97
C GLU B 57 -29.40 31.32 4.95
N ARG B 58 -28.73 30.26 4.50
CA ARG B 58 -28.49 29.08 5.31
C ARG B 58 -29.76 28.46 5.91
N LEU B 59 -30.82 28.39 5.10
CA LEU B 59 -32.10 27.80 5.52
C LEU B 59 -32.36 26.45 4.85
N ASP B 60 -31.33 25.89 4.22
CA ASP B 60 -31.45 24.60 3.56
C ASP B 60 -31.57 23.48 4.61
N ASP B 61 -32.21 22.38 4.24
CA ASP B 61 -32.41 21.25 5.14
C ASP B 61 -31.17 20.80 5.91
N SER B 62 -30.05 20.62 5.21
CA SER B 62 -28.82 20.17 5.84
C SER B 62 -28.42 21.10 7.00
N THR B 63 -28.36 22.39 6.72
CA THR B 63 -27.98 23.38 7.73
C THR B 63 -28.93 23.36 8.92
N LEU B 64 -30.23 23.48 8.63
CA LEU B 64 -31.24 23.51 9.68
C LEU B 64 -31.29 22.24 10.51
N LEU B 65 -31.11 21.09 9.88
CA LEU B 65 -31.16 19.83 10.63
C LEU B 65 -29.96 19.69 11.56
N ARG B 66 -28.84 20.31 11.21
CA ARG B 66 -27.66 20.25 12.07
C ARG B 66 -27.98 20.99 13.37
N PHE B 67 -28.66 22.13 13.26
CA PHE B 67 -29.03 22.89 14.46
C PHE B 67 -30.11 22.12 15.24
N LEU B 68 -31.08 21.55 14.53
CA LEU B 68 -32.11 20.79 15.22
C LEU B 68 -31.48 19.60 15.96
N ARG B 69 -30.61 18.86 15.29
CA ARG B 69 -29.99 17.72 15.94
C ARG B 69 -29.18 18.13 17.18
N ALA B 70 -28.51 19.28 17.09
CA ALA B 70 -27.70 19.77 18.21
C ALA B 70 -28.54 20.18 19.42
N ARG B 71 -29.84 20.35 19.20
CA ARG B 71 -30.74 20.71 20.29
C ARG B 71 -31.88 19.70 20.45
N LYS B 72 -31.64 18.48 19.97
CA LYS B 72 -32.62 17.40 20.08
C LYS B 72 -33.98 17.78 19.52
N PHE B 73 -34.00 18.59 18.48
CA PHE B 73 -35.24 19.01 17.85
C PHE B 73 -36.16 19.88 18.69
N ASP B 74 -35.59 20.56 19.70
CA ASP B 74 -36.35 21.49 20.52
C ASP B 74 -36.34 22.75 19.63
N ILE B 75 -37.45 23.00 18.94
CA ILE B 75 -37.53 24.12 18.02
C ILE B 75 -37.11 25.49 18.54
N ASN B 76 -37.68 25.94 19.65
CA ASN B 76 -37.31 27.25 20.18
C ASN B 76 -35.81 27.33 20.53
N ALA B 77 -35.27 26.26 21.09
CA ALA B 77 -33.86 26.22 21.46
C ALA B 77 -32.97 26.26 20.22
N SER B 78 -33.45 25.65 19.13
CA SER B 78 -32.72 25.61 17.87
C SER B 78 -32.74 26.99 17.23
N VAL B 79 -33.86 27.69 17.40
CA VAL B 79 -34.01 29.04 16.85
C VAL B 79 -33.02 29.96 17.57
N GLU B 80 -32.83 29.72 18.86
CA GLU B 80 -31.92 30.51 19.69
C GLU B 80 -30.49 30.36 19.20
N MET B 81 -30.08 29.11 19.01
CA MET B 81 -28.75 28.78 18.54
C MET B 81 -28.46 29.32 17.14
N PHE B 82 -29.44 29.24 16.23
CA PHE B 82 -29.27 29.73 14.86
C PHE B 82 -29.14 31.24 14.84
N VAL B 83 -29.99 31.89 15.62
CA VAL B 83 -29.98 33.34 15.72
C VAL B 83 -28.65 33.85 16.27
N GLU B 84 -28.13 33.15 17.28
CA GLU B 84 -26.86 33.52 17.86
C GLU B 84 -25.72 33.25 16.88
N THR B 85 -25.83 32.17 16.10
CA THR B 85 -24.79 31.84 15.11
C THR B 85 -24.75 32.91 14.02
N GLU B 86 -25.91 33.29 13.52
CA GLU B 86 -25.95 34.30 12.47
C GLU B 86 -25.33 35.62 12.96
N ARG B 87 -25.61 36.01 14.19
CA ARG B 87 -25.04 37.25 14.72
C ARG B 87 -23.53 37.15 14.78
N TRP B 88 -23.03 36.06 15.35
CA TRP B 88 -21.60 35.82 15.46
C TRP B 88 -20.92 35.84 14.08
N ARG B 89 -21.48 35.12 13.10
CA ARG B 89 -20.90 35.09 11.75
C ARG B 89 -20.70 36.52 11.23
N GLU B 90 -21.66 37.38 11.54
CA GLU B 90 -21.64 38.78 11.14
C GLU B 90 -20.59 39.59 11.90
N GLU B 91 -20.61 39.51 13.23
CA GLU B 91 -19.66 40.27 14.05
C GLU B 91 -18.21 39.83 13.87
N TYR B 92 -18.02 38.52 13.74
CA TYR B 92 -16.70 37.92 13.59
C TYR B 92 -16.11 38.09 12.19
N GLY B 93 -16.98 38.15 11.19
CA GLY B 93 -16.51 38.30 9.82
C GLY B 93 -16.47 36.97 9.09
N ALA B 94 -17.11 35.94 9.66
CA ALA B 94 -17.11 34.62 9.05
C ALA B 94 -17.76 34.62 7.67
N ASN B 95 -18.72 35.52 7.44
CA ASN B 95 -19.39 35.59 6.15
C ASN B 95 -18.52 36.06 5.00
N THR B 96 -17.39 36.67 5.31
CA THR B 96 -16.50 37.17 4.27
C THR B 96 -15.07 36.69 4.43
N ILE B 97 -14.86 35.72 5.33
CA ILE B 97 -13.51 35.23 5.60
C ILE B 97 -12.75 34.67 4.40
N ILE B 98 -13.45 34.00 3.48
CA ILE B 98 -12.80 33.44 2.29
C ILE B 98 -12.36 34.56 1.36
N GLU B 99 -13.23 35.56 1.19
CA GLU B 99 -12.92 36.69 0.33
C GLU B 99 -11.75 37.48 0.93
N ASP B 100 -11.77 37.69 2.25
CA ASP B 100 -10.69 38.40 2.95
C ASP B 100 -9.36 37.73 2.66
N TYR B 101 -9.33 36.41 2.76
CA TYR B 101 -8.13 35.64 2.49
C TYR B 101 -7.67 35.85 1.05
N GLU B 102 -8.60 35.73 0.11
CA GLU B 102 -8.29 35.91 -1.30
C GLU B 102 -7.67 37.28 -1.63
N ASN B 103 -8.05 38.30 -0.88
CA ASN B 103 -7.55 39.65 -1.11
C ASN B 103 -6.21 39.92 -0.43
N ASN B 104 -5.78 38.96 0.38
CA ASN B 104 -4.51 39.07 1.10
C ASN B 104 -3.78 37.74 1.01
N LYS B 105 -4.08 36.98 -0.04
CA LYS B 105 -3.51 35.64 -0.22
C LYS B 105 -2.00 35.50 -0.06
N GLU B 106 -1.25 36.41 -0.65
CA GLU B 106 0.21 36.36 -0.57
C GLU B 106 0.67 36.29 0.89
N ALA B 107 0.32 37.31 1.66
CA ALA B 107 0.70 37.38 3.06
C ALA B 107 0.19 36.20 3.89
N GLU B 108 -1.02 35.75 3.58
CA GLU B 108 -1.63 34.63 4.31
C GLU B 108 -0.88 33.33 4.05
N ASP B 109 -0.63 33.02 2.78
CA ASP B 109 0.08 31.81 2.42
C ASP B 109 1.44 31.79 3.11
N LYS B 110 2.16 32.91 3.03
CA LYS B 110 3.48 32.99 3.65
C LYS B 110 3.43 32.65 5.13
N GLU B 111 2.42 33.16 5.82
CA GLU B 111 2.28 32.90 7.24
C GLU B 111 1.93 31.44 7.48
N ARG B 112 1.06 30.91 6.62
CA ARG B 112 0.61 29.53 6.78
C ARG B 112 1.74 28.52 6.56
N ILE B 113 2.62 28.80 5.61
CA ILE B 113 3.73 27.91 5.32
C ILE B 113 4.71 27.81 6.49
N LYS B 114 4.87 28.92 7.22
CA LYS B 114 5.76 28.96 8.37
C LYS B 114 5.42 27.95 9.46
N LEU B 115 4.14 27.64 9.61
CA LEU B 115 3.71 26.70 10.66
C LEU B 115 3.41 25.29 10.18
N ALA B 116 3.30 25.12 8.87
CA ALA B 116 2.98 23.80 8.29
C ALA B 116 3.82 22.64 8.82
N LYS B 117 5.14 22.75 8.72
CA LYS B 117 6.01 21.67 9.18
C LYS B 117 5.94 21.37 10.67
N MET B 118 5.81 22.41 11.48
CA MET B 118 5.75 22.25 12.93
C MET B 118 4.41 21.72 13.42
N TYR B 119 3.34 22.11 12.73
CA TYR B 119 1.97 21.71 13.08
C TYR B 119 1.23 21.24 11.84
N PRO B 120 1.55 20.02 11.36
CA PRO B 120 0.89 19.46 10.18
C PRO B 120 -0.62 19.39 10.31
N GLN B 121 -1.34 19.98 9.35
CA GLN B 121 -2.79 19.97 9.32
C GLN B 121 -3.14 19.77 7.86
N TYR B 122 -3.68 18.61 7.50
CA TYR B 122 -3.99 18.36 6.11
C TYR B 122 -5.09 17.34 5.86
N TYR B 123 -5.81 17.55 4.77
CA TYR B 123 -6.85 16.65 4.32
C TYR B 123 -6.16 15.71 3.35
N HIS B 124 -6.59 14.46 3.33
CA HIS B 124 -6.00 13.48 2.43
C HIS B 124 -7.07 12.45 2.07
N HIS B 125 -7.73 12.65 0.93
CA HIS B 125 -8.77 11.73 0.47
C HIS B 125 -9.97 11.64 1.42
N VAL B 126 -10.60 10.47 1.48
CA VAL B 126 -11.81 10.29 2.27
C VAL B 126 -11.90 8.96 3.01
N ASP B 127 -12.87 8.85 3.92
CA ASP B 127 -13.06 7.58 4.64
C ASP B 127 -14.01 6.72 3.80
N LYS B 128 -14.40 5.55 4.32
CA LYS B 128 -15.27 4.64 3.58
C LYS B 128 -16.67 5.18 3.24
N ASP B 129 -17.10 6.23 3.91
CA ASP B 129 -18.41 6.81 3.64
C ASP B 129 -18.29 8.06 2.79
N GLY B 130 -17.07 8.39 2.38
CA GLY B 130 -16.87 9.56 1.55
C GLY B 130 -16.58 10.87 2.30
N ARG B 131 -16.36 10.78 3.61
CA ARG B 131 -16.09 11.97 4.41
C ARG B 131 -14.65 12.43 4.18
N PRO B 132 -14.42 13.75 4.10
CA PRO B 132 -13.05 14.22 3.89
C PRO B 132 -12.24 13.64 5.06
N LEU B 133 -11.04 13.16 4.77
CA LEU B 133 -10.18 12.59 5.81
C LEU B 133 -9.22 13.71 6.25
N TYR B 134 -9.22 14.00 7.54
CA TYR B 134 -8.41 15.07 8.08
C TYR B 134 -7.37 14.59 9.10
N PHE B 135 -6.12 15.03 8.93
CA PHE B 135 -5.05 14.65 9.85
C PHE B 135 -4.40 15.86 10.51
N GLU B 136 -3.96 15.67 11.74
CA GLU B 136 -3.28 16.71 12.49
C GLU B 136 -2.25 16.02 13.39
N GLU B 137 -1.02 16.52 13.36
CA GLU B 137 0.04 15.95 14.18
C GLU B 137 0.48 17.05 15.13
N LEU B 138 0.59 16.71 16.41
CA LEU B 138 0.95 17.69 17.42
C LEU B 138 2.30 17.50 18.09
N GLY B 139 2.93 16.36 17.86
CA GLY B 139 4.20 16.07 18.48
C GLY B 139 5.36 17.00 18.17
N GLY B 140 5.28 17.70 17.03
CA GLY B 140 6.35 18.58 16.64
C GLY B 140 6.18 20.03 17.06
N ILE B 141 5.09 20.32 17.75
CA ILE B 141 4.84 21.68 18.19
C ILE B 141 5.77 22.15 19.32
N ASN B 142 6.34 23.34 19.14
CA ASN B 142 7.19 23.94 20.17
C ASN B 142 6.48 25.25 20.48
N LEU B 143 5.91 25.34 21.68
CA LEU B 143 5.17 26.53 22.07
C LEU B 143 5.91 27.84 21.93
N LYS B 144 7.16 27.90 22.42
CA LYS B 144 7.94 29.13 22.32
C LYS B 144 8.06 29.59 20.88
N LYS B 145 8.31 28.66 19.96
CA LYS B 145 8.43 29.02 18.56
C LYS B 145 7.09 29.43 17.98
N MET B 146 6.04 28.70 18.36
CA MET B 146 4.69 28.99 17.90
C MET B 146 4.30 30.45 18.18
N TYR B 147 4.49 30.87 19.42
CA TYR B 147 4.16 32.22 19.85
C TYR B 147 4.91 33.29 19.09
N LYS B 148 6.04 32.93 18.48
CA LYS B 148 6.84 33.88 17.73
C LYS B 148 6.39 34.01 16.28
N ILE B 149 5.51 33.12 15.83
CA ILE B 149 5.07 33.19 14.45
C ILE B 149 3.57 33.45 14.30
N THR B 150 2.81 33.16 15.34
CA THR B 150 1.37 33.36 15.27
C THR B 150 0.82 33.70 16.65
N THR B 151 -0.48 33.96 16.71
CA THR B 151 -1.15 34.27 17.97
C THR B 151 -2.31 33.31 18.09
N GLU B 152 -2.82 33.15 19.31
CA GLU B 152 -3.94 32.26 19.55
C GLU B 152 -5.13 32.67 18.69
N LYS B 153 -5.46 33.97 18.69
CA LYS B 153 -6.58 34.46 17.90
C LYS B 153 -6.44 34.11 16.43
N GLN B 154 -5.23 34.29 15.90
CA GLN B 154 -4.93 34.01 14.50
C GLN B 154 -5.24 32.55 14.15
N MET B 155 -4.90 31.66 15.07
CA MET B 155 -5.15 30.23 14.85
C MET B 155 -6.64 29.95 14.82
N LEU B 156 -7.40 30.64 15.66
CA LEU B 156 -8.84 30.47 15.70
C LEU B 156 -9.41 30.92 14.35
N ARG B 157 -8.84 31.99 13.82
CA ARG B 157 -9.25 32.53 12.52
C ARG B 157 -9.05 31.51 11.43
N ASN B 158 -7.92 30.81 11.46
CA ASN B 158 -7.64 29.80 10.46
C ASN B 158 -8.63 28.66 10.60
N LEU B 159 -8.98 28.34 11.84
CA LEU B 159 -9.94 27.27 12.10
C LEU B 159 -11.27 27.65 11.45
N VAL B 160 -11.70 28.88 11.68
CA VAL B 160 -12.96 29.36 11.13
C VAL B 160 -12.88 29.37 9.61
N LYS B 161 -11.74 29.79 9.07
CA LYS B 161 -11.60 29.83 7.62
C LYS B 161 -11.75 28.43 7.04
N GLU B 162 -11.16 27.43 7.69
CA GLU B 162 -11.26 26.08 7.17
C GLU B 162 -12.68 25.56 7.24
N TYR B 163 -13.42 25.94 8.29
CA TYR B 163 -14.81 25.49 8.36
C TYR B 163 -15.55 26.03 7.14
N GLU B 164 -15.28 27.29 6.79
CA GLU B 164 -15.94 27.89 5.63
C GLU B 164 -15.52 27.20 4.33
N LEU B 165 -14.23 26.91 4.20
CA LEU B 165 -13.74 26.22 3.01
C LEU B 165 -14.33 24.81 2.95
N PHE B 166 -14.43 24.18 4.12
CA PHE B 166 -15.00 22.83 4.19
C PHE B 166 -16.41 22.81 3.59
N ALA B 167 -17.24 23.73 4.05
CA ALA B 167 -18.63 23.82 3.60
C ALA B 167 -18.76 24.28 2.15
N THR B 168 -17.87 25.18 1.75
CA THR B 168 -17.91 25.72 0.40
C THR B 168 -17.37 24.82 -0.70
N TYR B 169 -16.23 24.17 -0.45
CA TYR B 169 -15.61 23.34 -1.49
C TYR B 169 -15.57 21.84 -1.26
N ARG B 170 -15.18 21.43 -0.06
CA ARG B 170 -15.09 20.01 0.25
C ARG B 170 -16.43 19.27 0.27
N VAL B 171 -17.44 19.85 0.91
CA VAL B 171 -18.74 19.20 0.98
C VAL B 171 -19.34 18.92 -0.41
N PRO B 172 -19.47 19.95 -1.26
CA PRO B 172 -20.03 19.72 -2.59
C PRO B 172 -19.30 18.65 -3.41
N ALA B 173 -17.97 18.74 -3.44
CA ALA B 173 -17.18 17.77 -4.19
C ALA B 173 -17.28 16.36 -3.62
N CYS B 174 -17.14 16.22 -2.31
CA CYS B 174 -17.25 14.90 -1.71
C CYS B 174 -18.66 14.32 -1.86
N SER B 175 -19.66 15.18 -1.83
CA SER B 175 -21.04 14.74 -1.96
C SER B 175 -21.29 14.22 -3.38
N ARG B 176 -20.78 14.94 -4.38
CA ARG B 176 -20.96 14.51 -5.76
C ARG B 176 -20.28 13.16 -5.98
N ARG B 177 -19.13 12.95 -5.34
CA ARG B 177 -18.43 11.68 -5.50
C ARG B 177 -19.16 10.52 -4.81
N ALA B 178 -19.61 10.74 -3.58
CA ALA B 178 -20.29 9.69 -2.83
C ALA B 178 -21.69 9.40 -3.37
N GLY B 179 -22.29 10.39 -4.01
CA GLY B 179 -23.64 10.23 -4.55
C GLY B 179 -24.67 10.51 -3.47
N TYR B 180 -24.20 10.95 -2.31
CA TYR B 180 -25.05 11.29 -1.16
C TYR B 180 -24.45 12.51 -0.50
N LEU B 181 -25.24 13.21 0.31
CA LEU B 181 -24.76 14.39 1.01
C LEU B 181 -23.78 14.01 2.12
N ILE B 182 -22.65 14.72 2.15
CA ILE B 182 -21.61 14.53 3.15
C ILE B 182 -21.62 15.83 3.96
N GLU B 183 -21.61 15.72 5.28
CA GLU B 183 -21.66 16.92 6.13
C GLU B 183 -20.56 16.95 7.15
N THR B 184 -19.91 15.82 7.35
CA THR B 184 -18.89 15.71 8.38
C THR B 184 -17.55 15.23 7.85
N SER B 185 -16.55 15.24 8.73
CA SER B 185 -15.22 14.79 8.38
C SER B 185 -14.79 13.64 9.28
N CYS B 186 -13.77 12.93 8.84
CA CYS B 186 -13.21 11.82 9.59
C CYS B 186 -11.85 12.35 10.00
N THR B 187 -11.69 12.65 11.29
CA THR B 187 -10.45 13.23 11.77
C THR B 187 -9.54 12.31 12.57
N VAL B 188 -8.24 12.46 12.35
CA VAL B 188 -7.24 11.67 13.04
C VAL B 188 -6.25 12.63 13.68
N LEU B 189 -6.17 12.60 15.01
CA LEU B 189 -5.26 13.47 15.76
C LEU B 189 -4.11 12.62 16.28
N ASP B 190 -2.91 12.85 15.74
CA ASP B 190 -1.73 12.11 16.12
C ASP B 190 -0.99 12.85 17.24
N LEU B 191 -1.00 12.27 18.43
CA LEU B 191 -0.35 12.86 19.60
C LEU B 191 1.07 12.36 19.85
N LYS B 192 1.60 11.56 18.93
CA LYS B 192 2.95 11.03 19.09
C LYS B 192 3.96 12.14 19.41
N GLY B 193 4.69 11.97 20.52
CA GLY B 193 5.70 12.94 20.89
C GLY B 193 5.31 14.12 21.76
N ILE B 194 4.02 14.34 21.99
CA ILE B 194 3.64 15.49 22.82
C ILE B 194 4.04 15.30 24.28
N SER B 195 4.10 16.42 25.00
CA SER B 195 4.41 16.38 26.43
C SER B 195 3.10 16.74 27.13
N LEU B 196 2.70 15.92 28.10
CA LEU B 196 1.47 16.17 28.82
C LEU B 196 1.45 17.58 29.40
N SER B 197 2.61 18.04 29.85
CA SER B 197 2.69 19.38 30.42
C SER B 197 2.27 20.43 29.39
N ASN B 198 2.75 20.28 28.16
CA ASN B 198 2.39 21.17 27.07
C ASN B 198 0.89 21.14 26.82
N ALA B 199 0.29 19.98 26.98
CA ALA B 199 -1.14 19.80 26.76
C ALA B 199 -1.92 20.69 27.74
N TYR B 200 -1.59 20.60 29.03
CA TYR B 200 -2.26 21.39 30.06
C TYR B 200 -2.08 22.88 29.82
N HIS B 201 -0.99 23.25 29.16
CA HIS B 201 -0.69 24.65 28.88
C HIS B 201 -1.55 25.24 27.76
N VAL B 202 -2.11 24.38 26.92
CA VAL B 202 -2.93 24.86 25.81
C VAL B 202 -4.44 24.66 26.02
N LEU B 203 -4.84 24.36 27.25
CA LEU B 203 -6.25 24.16 27.55
C LEU B 203 -7.18 25.29 27.12
N SER B 204 -6.79 26.53 27.37
CA SER B 204 -7.63 27.67 26.99
C SER B 204 -7.87 27.71 25.49
N TYR B 205 -6.90 27.23 24.71
CA TYR B 205 -7.04 27.19 23.26
C TYR B 205 -8.02 26.09 22.86
N ILE B 206 -7.87 24.91 23.47
CA ILE B 206 -8.76 23.79 23.17
C ILE B 206 -10.20 24.20 23.48
N LYS B 207 -10.38 24.94 24.56
CA LYS B 207 -11.68 25.42 24.99
C LYS B 207 -12.27 26.38 23.94
N ASP B 208 -11.43 27.27 23.41
CA ASP B 208 -11.89 28.21 22.40
C ASP B 208 -12.30 27.47 21.13
N VAL B 209 -11.54 26.44 20.77
CA VAL B 209 -11.86 25.68 19.57
C VAL B 209 -13.16 24.92 19.74
N ALA B 210 -13.37 24.35 20.92
CA ALA B 210 -14.57 23.59 21.22
C ALA B 210 -15.80 24.50 21.20
N ASP B 211 -15.64 25.71 21.72
CA ASP B 211 -16.75 26.65 21.75
C ASP B 211 -17.18 27.03 20.32
N ILE B 212 -16.21 27.37 19.48
CA ILE B 212 -16.51 27.75 18.10
C ILE B 212 -17.16 26.58 17.36
N SER B 213 -16.59 25.40 17.56
CA SER B 213 -17.11 24.21 16.91
C SER B 213 -18.54 23.91 17.30
N GLN B 214 -18.75 23.76 18.61
CA GLN B 214 -20.06 23.43 19.15
C GLN B 214 -21.14 24.50 19.02
N ASN B 215 -20.78 25.77 19.20
CA ASN B 215 -21.77 26.82 19.12
C ASN B 215 -22.11 27.29 17.70
N TYR B 216 -21.12 27.33 16.82
CA TYR B 216 -21.37 27.85 15.48
C TYR B 216 -21.28 26.89 14.31
N TYR B 217 -20.75 25.70 14.55
CA TYR B 217 -20.61 24.69 13.49
C TYR B 217 -21.10 23.35 14.03
N PRO B 218 -22.30 23.33 14.61
CA PRO B 218 -22.84 22.10 15.18
C PRO B 218 -22.90 20.97 14.17
N GLU B 219 -22.72 19.75 14.68
CA GLU B 219 -22.79 18.55 13.89
C GLU B 219 -21.84 18.43 12.69
N ARG B 220 -20.68 19.07 12.76
CA ARG B 220 -19.72 18.94 11.65
C ARG B 220 -18.76 17.77 11.91
N MET B 221 -18.78 17.24 13.13
CA MET B 221 -17.93 16.12 13.49
C MET B 221 -18.53 14.79 13.06
N GLY B 222 -17.71 13.95 12.41
CA GLY B 222 -18.16 12.64 12.00
C GLY B 222 -17.50 11.60 12.89
N LYS B 223 -16.21 11.40 12.67
CA LYS B 223 -15.40 10.47 13.44
C LYS B 223 -14.19 11.29 13.90
N PHE B 224 -13.71 11.04 15.12
CA PHE B 224 -12.55 11.77 15.66
C PHE B 224 -11.66 10.81 16.46
N TYR B 225 -10.57 10.36 15.83
CA TYR B 225 -9.66 9.43 16.48
C TYR B 225 -8.42 10.11 17.03
N ILE B 226 -8.04 9.72 18.25
CA ILE B 226 -6.85 10.28 18.89
C ILE B 226 -5.87 9.11 18.98
N ILE B 227 -4.78 9.19 18.24
CA ILE B 227 -3.79 8.11 18.23
C ILE B 227 -2.47 8.52 18.86
N HIS B 228 -1.70 7.52 19.29
CA HIS B 228 -0.40 7.71 19.92
C HIS B 228 -0.45 8.61 21.17
N SER B 229 -1.53 8.58 21.93
CA SER B 229 -1.55 9.44 23.10
C SER B 229 -0.63 8.82 24.15
N PRO B 230 0.08 9.65 24.93
CA PRO B 230 1.00 9.17 25.96
C PRO B 230 0.29 8.69 27.24
N PHE B 231 1.00 7.95 28.07
CA PHE B 231 0.42 7.48 29.33
C PHE B 231 0.01 8.71 30.13
N GLY B 232 -1.13 8.62 30.80
CA GLY B 232 -1.59 9.75 31.60
C GLY B 232 -2.45 10.70 30.77
N PHE B 233 -2.64 10.38 29.49
CA PHE B 233 -3.46 11.25 28.67
C PHE B 233 -4.90 11.24 29.14
N SER B 234 -5.35 10.11 29.68
CA SER B 234 -6.71 10.00 30.20
C SER B 234 -6.98 11.07 31.27
N THR B 235 -5.96 11.37 32.06
CA THR B 235 -6.10 12.37 33.11
C THR B 235 -6.28 13.76 32.53
N MET B 236 -5.45 14.09 31.54
CA MET B 236 -5.51 15.39 30.88
C MET B 236 -6.82 15.56 30.11
N PHE B 237 -7.36 14.47 29.57
CA PHE B 237 -8.61 14.56 28.83
C PHE B 237 -9.77 14.91 29.77
N LYS B 238 -9.62 14.63 31.06
CA LYS B 238 -10.66 14.94 32.05
C LYS B 238 -10.75 16.46 32.28
N MET B 239 -9.77 17.18 31.75
CA MET B 239 -9.76 18.64 31.87
C MET B 239 -10.42 19.22 30.62
N VAL B 240 -10.72 18.35 29.65
CA VAL B 240 -11.35 18.78 28.39
C VAL B 240 -12.84 18.45 28.34
N LYS B 241 -13.18 17.24 28.74
CA LYS B 241 -14.56 16.76 28.75
C LYS B 241 -15.56 17.76 29.30
N PRO B 242 -15.22 18.44 30.42
CA PRO B 242 -16.11 19.42 31.06
C PRO B 242 -16.72 20.44 30.10
N PHE B 243 -16.02 20.77 29.02
CA PHE B 243 -16.60 21.72 28.09
C PHE B 243 -16.96 21.11 26.74
N LEU B 244 -17.07 19.79 26.71
CA LEU B 244 -17.47 19.11 25.50
C LEU B 244 -18.89 18.59 25.74
N ASP B 245 -19.77 18.78 24.76
CA ASP B 245 -21.14 18.31 24.92
C ASP B 245 -21.20 16.79 24.77
N PRO B 246 -22.25 16.17 25.31
CA PRO B 246 -22.43 14.72 25.25
C PRO B 246 -22.25 14.11 23.84
N VAL B 247 -22.85 14.75 22.84
CA VAL B 247 -22.74 14.24 21.46
C VAL B 247 -21.29 14.33 20.97
N THR B 248 -20.62 15.43 21.29
CA THR B 248 -19.23 15.62 20.88
C THR B 248 -18.37 14.48 21.42
N VAL B 249 -18.53 14.18 22.71
CA VAL B 249 -17.77 13.11 23.35
C VAL B 249 -17.98 11.75 22.71
N SER B 250 -19.20 11.47 22.28
CA SER B 250 -19.53 10.19 21.66
C SER B 250 -18.82 9.92 20.34
N LYS B 251 -18.29 10.96 19.70
CA LYS B 251 -17.63 10.79 18.42
C LYS B 251 -16.11 10.77 18.53
N ILE B 252 -15.61 10.89 19.76
CA ILE B 252 -14.18 10.89 20.02
C ILE B 252 -13.74 9.49 20.48
N PHE B 253 -12.69 8.96 19.85
CA PHE B 253 -12.19 7.63 20.21
C PHE B 253 -10.69 7.64 20.44
N ILE B 254 -10.26 7.32 21.65
CA ILE B 254 -8.85 7.27 21.99
C ILE B 254 -8.40 5.84 21.72
N LEU B 255 -7.52 5.67 20.73
CA LEU B 255 -7.05 4.33 20.35
C LEU B 255 -5.74 3.88 21.01
N GLY B 256 -5.58 2.57 21.15
CA GLY B 256 -4.40 2.00 21.76
C GLY B 256 -3.39 1.50 20.74
N SER B 257 -2.59 0.52 21.14
CA SER B 257 -1.56 -0.04 20.26
C SER B 257 -2.09 -0.65 18.96
N SER B 258 -3.35 -1.05 18.96
CA SER B 258 -3.95 -1.62 17.75
C SER B 258 -4.70 -0.58 16.92
N TYR B 259 -4.30 0.68 17.05
CA TYR B 259 -4.97 1.76 16.34
C TYR B 259 -5.08 1.59 14.82
N LYS B 260 -4.07 0.99 14.19
CA LYS B 260 -4.10 0.82 12.74
C LYS B 260 -5.29 -0.04 12.31
N LYS B 261 -5.52 -1.11 13.05
CA LYS B 261 -6.62 -2.02 12.75
C LYS B 261 -7.95 -1.28 12.89
N GLU B 262 -8.01 -0.33 13.82
CA GLU B 262 -9.22 0.45 14.02
C GLU B 262 -9.44 1.44 12.88
N LEU B 263 -8.37 2.12 12.46
CA LEU B 263 -8.49 3.08 11.36
C LEU B 263 -8.92 2.38 10.07
N LEU B 264 -8.46 1.15 9.88
CA LEU B 264 -8.79 0.39 8.67
C LEU B 264 -10.25 -0.05 8.59
N LYS B 265 -10.95 -0.05 9.72
CA LYS B 265 -12.37 -0.40 9.70
C LYS B 265 -13.16 0.77 9.13
N GLN B 266 -12.57 1.96 9.22
CA GLN B 266 -13.24 3.18 8.78
C GLN B 266 -12.69 3.83 7.52
N ILE B 267 -11.41 3.61 7.25
CA ILE B 267 -10.73 4.24 6.12
C ILE B 267 -10.14 3.27 5.10
N PRO B 268 -10.35 3.53 3.79
CA PRO B 268 -9.81 2.64 2.76
C PRO B 268 -8.28 2.59 2.93
N ILE B 269 -7.70 1.40 2.87
CA ILE B 269 -6.26 1.26 3.05
C ILE B 269 -5.45 2.13 2.08
N GLU B 270 -5.97 2.33 0.87
CA GLU B 270 -5.27 3.13 -0.14
C GLU B 270 -5.28 4.62 0.16
N ASN B 271 -6.16 5.06 1.05
CA ASN B 271 -6.26 6.47 1.40
C ASN B 271 -5.48 6.79 2.67
N LEU B 272 -5.09 5.76 3.40
CA LEU B 272 -4.38 5.93 4.65
C LEU B 272 -2.87 6.02 4.45
N PRO B 273 -2.21 7.07 4.98
CA PRO B 273 -0.77 7.15 4.80
C PRO B 273 -0.09 5.90 5.35
N VAL B 274 1.04 5.53 4.74
CA VAL B 274 1.78 4.36 5.16
C VAL B 274 2.12 4.37 6.65
N LYS B 275 2.53 5.53 7.17
CA LYS B 275 2.88 5.64 8.58
C LYS B 275 1.74 5.26 9.53
N TYR B 276 0.51 5.26 9.02
CA TYR B 276 -0.64 4.91 9.85
C TYR B 276 -1.20 3.54 9.47
N GLY B 277 -0.45 2.77 8.70
CA GLY B 277 -0.90 1.43 8.33
C GLY B 277 -1.51 1.29 6.96
N GLY B 278 -1.48 2.37 6.16
CA GLY B 278 -2.06 2.32 4.84
C GLY B 278 -1.01 2.16 3.76
N THR B 279 -1.39 2.43 2.52
CA THR B 279 -0.48 2.31 1.40
C THR B 279 -0.36 3.64 0.64
N SER B 280 -1.01 4.68 1.15
CA SER B 280 -0.97 5.97 0.45
C SER B 280 0.38 6.68 0.56
N VAL B 281 0.94 7.00 -0.60
CA VAL B 281 2.23 7.68 -0.68
C VAL B 281 2.07 8.84 -1.66
N LEU B 282 2.78 9.94 -1.43
CA LEU B 282 2.69 11.10 -2.33
C LEU B 282 3.44 10.79 -3.62
N HIS B 283 3.09 11.47 -4.70
CA HIS B 283 3.71 11.19 -5.98
C HIS B 283 5.20 11.56 -6.11
N ASN B 284 5.58 12.75 -5.66
CA ASN B 284 6.97 13.16 -5.77
C ASN B 284 7.72 12.99 -4.45
N PRO B 285 9.02 12.64 -4.52
CA PRO B 285 9.93 12.42 -3.40
C PRO B 285 10.01 13.56 -2.39
N ASN B 286 9.86 14.79 -2.85
CA ASN B 286 9.95 15.94 -1.95
C ASN B 286 8.58 16.49 -1.53
N ASP B 287 7.50 15.83 -1.96
CA ASP B 287 6.15 16.24 -1.57
C ASP B 287 6.01 16.00 -0.07
N LYS B 288 5.43 16.97 0.64
CA LYS B 288 5.24 16.82 2.08
C LYS B 288 3.76 16.72 2.37
N PHE B 289 3.38 15.84 3.28
CA PHE B 289 1.98 15.74 3.63
C PHE B 289 1.50 17.06 4.23
N TYR B 290 2.36 17.73 5.00
CA TYR B 290 1.93 18.99 5.60
C TYR B 290 1.68 20.14 4.63
N TYR B 291 1.98 19.96 3.36
CA TYR B 291 1.72 20.97 2.33
C TYR B 291 0.71 20.41 1.33
N SER B 292 0.13 19.26 1.65
CA SER B 292 -0.82 18.64 0.73
C SER B 292 -2.31 18.87 1.01
N ASP B 293 -3.11 18.78 -0.05
CA ASP B 293 -4.54 18.97 0.05
C ASP B 293 -5.18 18.18 -1.08
N ILE B 294 -4.97 16.86 -1.02
CA ILE B 294 -5.45 15.93 -2.03
C ILE B 294 -6.81 15.34 -1.66
N GLY B 295 -7.75 15.43 -2.60
CA GLY B 295 -9.07 14.90 -2.38
C GLY B 295 -9.99 15.18 -3.54
N PRO B 296 -11.27 14.78 -3.47
CA PRO B 296 -12.25 14.99 -4.54
C PRO B 296 -12.38 16.45 -4.96
N TRP B 297 -12.17 17.36 -4.01
CA TRP B 297 -12.26 18.79 -4.28
C TRP B 297 -11.16 19.27 -5.22
N ARG B 298 -10.30 18.35 -5.63
CA ARG B 298 -9.23 18.67 -6.58
C ARG B 298 -9.50 17.93 -7.90
N ASP B 299 -10.55 17.12 -7.92
CA ASP B 299 -10.91 16.35 -9.10
C ASP B 299 -11.90 17.13 -9.96
N PRO B 300 -11.47 17.57 -11.16
CA PRO B 300 -12.34 18.33 -12.07
C PRO B 300 -13.69 17.67 -12.30
N ARG B 301 -13.77 16.36 -12.12
CA ARG B 301 -15.03 15.66 -12.30
C ARG B 301 -16.04 15.98 -11.18
N TYR B 302 -15.54 16.37 -10.00
CA TYR B 302 -16.43 16.65 -8.89
C TYR B 302 -16.48 18.11 -8.44
N ILE B 303 -15.65 18.95 -9.05
CA ILE B 303 -15.65 20.37 -8.73
C ILE B 303 -16.77 20.99 -9.57
N GLY B 304 -17.64 21.76 -8.93
CA GLY B 304 -18.74 22.37 -9.64
C GLY B 304 -18.67 23.88 -9.79
N PRO B 305 -19.83 24.55 -9.88
CA PRO B 305 -19.91 26.01 -10.03
C PRO B 305 -19.25 26.79 -8.91
N GLU B 306 -19.05 26.13 -7.76
CA GLU B 306 -18.40 26.82 -6.64
C GLU B 306 -16.96 27.19 -7.00
N GLY B 307 -16.39 26.48 -7.95
CA GLY B 307 -15.01 26.74 -8.35
C GLY B 307 -14.08 25.87 -7.54
N GLU B 308 -12.79 25.89 -7.84
CA GLU B 308 -11.88 25.07 -7.07
C GLU B 308 -11.38 25.80 -5.84
N ILE B 309 -11.11 25.03 -4.79
CA ILE B 309 -10.64 25.57 -3.53
C ILE B 309 -9.29 26.29 -3.70
N PRO B 310 -9.08 27.40 -2.99
CA PRO B 310 -7.80 28.12 -3.10
C PRO B 310 -6.67 27.29 -2.50
N ASN B 311 -5.44 27.54 -2.93
CA ASN B 311 -4.29 26.78 -2.42
C ASN B 311 -3.72 27.39 -1.15
N ILE B 312 -4.08 26.78 -0.02
CA ILE B 312 -3.66 27.24 1.32
C ILE B 312 -2.16 27.35 1.55
N PHE B 313 -1.37 26.61 0.79
CA PHE B 313 0.07 26.68 0.95
C PHE B 313 0.73 27.31 -0.27
N GLY B 314 -0.05 28.08 -1.03
CA GLY B 314 0.48 28.73 -2.21
C GLY B 314 1.08 27.74 -3.19
N LYS B 315 2.19 28.14 -3.82
CA LYS B 315 2.88 27.30 -4.79
C LYS B 315 3.38 25.99 -4.18
N PHE B 316 3.53 25.95 -2.84
CA PHE B 316 3.99 24.74 -2.15
C PHE B 316 2.89 23.68 -2.04
N THR B 317 1.66 24.04 -2.37
CA THR B 317 0.55 23.10 -2.23
C THR B 317 0.58 21.89 -3.15
N VAL B 318 0.52 20.71 -2.54
CA VAL B 318 0.51 19.45 -3.28
C VAL B 318 -0.96 19.11 -3.54
N THR B 319 -1.37 19.16 -4.80
CA THR B 319 -2.75 18.89 -5.19
C THR B 319 -2.96 17.53 -5.86
P PO4 C . 20.33 -12.51 14.47
O1 PO4 C . 19.16 -12.00 15.25
O2 PO4 C . 19.84 -13.18 13.25
O3 PO4 C . 21.20 -11.37 14.09
O4 PO4 C . 21.10 -13.47 15.30
P PO4 D . -6.45 -27.26 -15.92
O1 PO4 D . -7.88 -27.66 -15.80
O2 PO4 D . -6.16 -26.91 -17.33
O3 PO4 D . -6.21 -26.08 -15.05
O4 PO4 D . -5.58 -28.39 -15.49
P PO4 E . 17.35 -2.02 8.67
O1 PO4 E . 18.00 -2.68 9.84
O2 PO4 E . 16.38 -2.96 8.05
O3 PO4 E . 16.61 -0.82 9.14
O4 PO4 E . 18.37 -1.63 7.68
C26 6PL F . 9.66 -25.78 8.57
C25 6PL F . 10.81 -25.15 7.79
C24 6PL F . 11.41 -23.99 8.59
C23 6PL F . 11.94 -22.92 7.65
C22 6PL F . 13.46 -23.01 7.52
C21 6PL F . 13.99 -21.84 6.69
C20 6PL F . 15.48 -21.64 6.90
C19 6PL F . 16.25 -22.01 5.64
C18 6PL F . 17.19 -20.89 5.23
C17 6PL F . 17.09 -20.60 3.74
C16 6PL F . 18.45 -20.32 3.15
C15 6PL F . 18.46 -20.58 1.65
C14 6PL F . 19.38 -19.58 0.95
C13 6PL F . 19.32 -19.75 -0.56
C12 6PL F . 19.43 -21.22 -0.95
C11 6PL F . 19.65 -21.33 -2.45
O11 6PL F . 20.49 -20.63 -3.00
O3 6PL F . 18.90 -22.20 -3.18
C3 6PL F . 18.40 -21.51 -4.33
C2 6PL F . 16.97 -21.89 -4.57
C1 6PL F . 16.46 -21.28 -5.87
O3P 6PL F . 16.67 -19.87 -5.96
P 6PL F . 15.91 -19.05 -7.10
O1P 6PL F . 16.49 -19.41 -8.40
O2P 6PL F . 15.82 -17.63 -6.73
O4P 6PL F . 14.45 -19.67 -6.99
C4 6PL F . 13.35 -19.07 -7.64
C5 6PL F . 13.20 -19.66 -9.04
N 6PL F . 12.87 -21.07 -8.95
C7 6PL F . 11.57 -21.23 -8.26
C8 6PL F . 13.91 -21.77 -8.20
C6 6PL F . 12.78 -21.63 -10.30
O2 6PL F . 16.17 -21.49 -3.45
C31 6PL F . 14.87 -21.87 -3.60
O31 6PL F . 14.54 -22.59 -4.54
C32 6PL F . 13.84 -21.41 -2.58
C33 6PL F . 14.45 -21.35 -1.17
C34 6PL F . 14.41 -22.71 -0.49
C35 6PL F . 14.66 -22.57 1.02
C36 6PL F . 14.09 -23.76 1.78
C37 6PL F . 12.81 -23.38 2.51
C38 6PL F . 11.99 -24.62 2.85
C39 6PL F . 12.78 -25.55 3.77
C40 6PL F . 11.86 -26.58 4.41
C41 6PL F . 10.76 -27.00 3.44
C42 6PL F . 10.12 -28.31 3.88
C43 6PL F . 11.11 -29.47 3.70
C44 6PL F . 10.35 -30.79 3.50
C45 6PL F . 11.24 -31.99 3.78
C46 6PL F . 10.40 -33.23 4.02
C47 6PL F . 8.92 -32.95 3.75
C48 6PL F . 8.23 -34.17 3.15
C1 GOL G . -5.41 -12.39 -1.50
O1 GOL G . -5.39 -13.24 -0.38
C2 GOL G . -5.61 -10.94 -1.07
O2 GOL G . -6.59 -10.88 -0.07
C3 GOL G . -6.07 -10.13 -2.27
O3 GOL G . -5.05 -9.24 -2.66
P PO4 H . -3.77 6.44 30.51
O1 PO4 H . -3.46 7.40 31.61
O2 PO4 H . -4.39 5.23 31.09
O3 PO4 H . -4.70 7.07 29.56
O4 PO4 H . -2.52 6.08 29.81
P PO4 I . -1.73 30.32 -5.90
O1 PO4 I . -0.83 29.29 -5.28
O2 PO4 I . -2.90 29.64 -6.50
O3 PO4 I . -2.18 31.27 -4.85
O4 PO4 I . -1.00 31.05 -6.95
P PO4 J . -6.22 -1.92 21.50
O1 PO4 J . -6.48 -1.48 22.90
O2 PO4 J . -7.49 -2.46 20.92
O3 PO4 J . -5.76 -0.76 20.69
O4 PO4 J . -5.19 -2.98 21.49
C26 6PL K . 1.33 22.30 21.94
C25 6PL K . 1.31 20.81 22.29
C24 6PL K . -0.10 20.38 22.71
C23 6PL K . -0.10 18.88 23.08
C22 6PL K . -1.50 18.38 23.44
C21 6PL K . -2.47 18.59 22.28
C20 6PL K . -3.75 17.75 22.46
C19 6PL K . -4.48 18.10 23.77
C18 6PL K . -5.78 17.30 23.87
C17 6PL K . -6.74 17.66 22.73
C16 6PL K . -8.08 16.94 22.89
C15 6PL K . -9.06 17.35 21.80
C14 6PL K . -10.40 16.63 21.97
C13 6PL K . -11.38 16.95 20.85
C12 6PL K . -11.79 18.42 20.85
C11 6PL K . -12.74 18.71 19.68
O11 6PL K . -13.87 18.23 19.66
O3 6PL K . -12.31 19.50 18.67
C3 6PL K . -13.28 19.59 17.61
C2 6PL K . -12.56 20.23 16.42
C1 6PL K . -13.32 20.01 15.11
O3P 6PL K . -13.27 18.63 14.72
P 6PL K . -13.85 18.14 13.29
O1P 6PL K . -15.28 18.50 13.22
O2P 6PL K . -13.46 16.73 13.12
O4P 6PL K . -13.04 19.03 12.22
C4 6PL K . -11.72 18.66 11.85
C5 6PL K . -11.33 19.32 10.53
N 6PL K . -11.53 20.78 10.59
C7 6PL K . -10.67 21.42 9.59
C8 6PL K . -11.18 21.28 11.93
C6 6PL K . -12.95 21.10 10.31
O2 6PL K . -11.30 19.54 16.31
C31 6PL K . -10.38 20.20 15.55
O31 6PL K . -10.63 21.31 15.08
C32 6PL K . -9.03 19.53 15.35
C33 6PL K . -8.45 19.12 16.70
C34 6PL K . -7.84 20.33 17.42
C35 6PL K . -7.66 20.07 18.92
C36 6PL K . -6.50 20.92 19.45
C37 6PL K . -5.18 20.30 18.98
C38 6PL K . -4.01 21.29 19.11
C39 6PL K . -3.93 21.92 20.49
C40 6PL K . -2.64 22.74 20.61
C41 6PL K . -2.44 23.58 19.34
C42 6PL K . -1.11 24.32 19.34
C43 6PL K . -1.11 25.49 20.34
C44 6PL K . -2.26 26.45 20.04
C45 6PL K . -2.01 27.82 20.69
C46 6PL K . -0.77 28.48 20.08
C47 6PL K . -0.56 29.89 20.63
C48 6PL K . 0.64 30.55 19.95
#